data_8WTM
#
_entry.id   8WTM
#
_cell.length_a   1.00
_cell.length_b   1.00
_cell.length_c   1.00
_cell.angle_alpha   90.00
_cell.angle_beta   90.00
_cell.angle_gamma   90.00
#
_symmetry.space_group_name_H-M   'P 1'
#
loop_
_entity.id
_entity.type
_entity.pdbx_description
1 polymer 'ABC transporter G family member 16'
2 non-polymer '{(1R,2R)-3-oxo-2-[(2Z)-pent-2-en-1-yl]cyclopentyl}acetic acid'
#
_entity_poly.entity_id   1
_entity_poly.type   'polypeptide(L)'
_entity_poly.pdbx_seq_one_letter_code
;MSRILVEDDNATPFHSMEIISSSLTLGQLLKNVSDVRKVEVGDETPVHEFFDRDGSSLDGDNDHLMRPVPFVLSFNNLTY
NVSVRRKLDFHDLVPWRRTSFSKTKTLLDNISGETRDGEILAVLGASGSGKSTLIDALANRIAKGSLKGTVTLNGEALQS
RMLKVISAYVMQDDLLFPMLTVEETLMFAAEFRLPRSLPKSKKKLRVQALIDQLGIRNAAKTIIGDEGHRGISGGERRRV
SIGIDIIHDPIVLFLDEPTSGLDSTSAFMVVKVLKRIAESGSIIIMSIHQPSHRVLSLLDRLIFLSRGHTVFSGSPASLP
SFFAGFGNPIPENENQTEFALDLIRELEGSAGGTRGLVEFNKKWQEMKKQSNPQTLTPPASPNPNLTLKEAISASISRGK
LVSGGGGGSSVINHGGGTLAVPAFANPFWIEIKTLTRRSILNSRRQPELLGMRLATVIVTGFILATVFWRLDNSPKGVQE
RLGFFAFAMSTMFYTCADALPVFLQERYIFMRETAYNAYRRSSYVLSHAIVTFPSLIFLSLAFAVTTFWAVGLEGGLMGF
LFYCLIILASFWSGSSFVTFLSGVVPHVMLGYTIVVAILAYFLLFSGFFINRDRIPQYWIWFHYLSLVKYPYEAVLQNEF
SDPTECFVRGVQLFDNSPLGELTYGMKLRLLDSVSRSIGMRISSSTCLTTGADVLKQQGVTQLSKWNCLLITVGFGFLFR
ILFYLCLLLGSKNKRR
;
_entity_poly.pdbx_strand_id   A,B
#
loop_
_chem_comp.id
_chem_comp.type
_chem_comp.name
_chem_comp.formula
JAA non-polymer '{(1R,2R)-3-oxo-2-[(2Z)-pent-2-en-1-yl]cyclopentyl}acetic acid' 'C12 H18 O3'
#
# COMPACT_ATOMS: atom_id res chain seq x y z
N ARG A 67 -29.29 26.46 -33.54
CA ARG A 67 -28.18 26.44 -34.48
C ARG A 67 -26.83 26.73 -33.81
N PRO A 68 -25.91 25.77 -33.91
CA PRO A 68 -24.53 26.03 -33.46
C PRO A 68 -23.63 26.48 -34.61
N VAL A 69 -22.49 27.08 -34.28
CA VAL A 69 -21.52 27.52 -35.28
C VAL A 69 -20.73 26.31 -35.75
N PRO A 70 -20.59 26.09 -37.06
CA PRO A 70 -19.88 24.89 -37.54
C PRO A 70 -18.39 24.96 -37.31
N PHE A 71 -17.81 23.83 -36.88
CA PHE A 71 -16.38 23.69 -36.68
C PHE A 71 -15.92 22.37 -37.31
N VAL A 72 -14.72 22.38 -37.87
CA VAL A 72 -14.15 21.21 -38.51
C VAL A 72 -12.71 21.07 -38.02
N LEU A 73 -12.40 19.93 -37.42
CA LEU A 73 -11.04 19.62 -37.02
C LEU A 73 -10.47 18.57 -37.97
N SER A 74 -9.39 18.91 -38.65
CA SER A 74 -8.74 18.01 -39.59
C SER A 74 -7.28 17.87 -39.23
N PHE A 75 -6.79 16.63 -39.19
CA PHE A 75 -5.41 16.35 -38.87
C PHE A 75 -4.87 15.35 -39.88
N ASN A 76 -3.67 15.60 -40.39
CA ASN A 76 -3.12 14.83 -41.49
C ASN A 76 -1.64 14.55 -41.25
N ASN A 77 -1.23 13.32 -41.60
CA ASN A 77 0.18 12.91 -41.70
C ASN A 77 0.91 13.02 -40.36
N LEU A 78 0.25 12.64 -39.29
CA LEU A 78 0.83 12.74 -37.95
C LEU A 78 1.84 11.63 -37.75
N THR A 79 3.11 12.00 -37.66
CA THR A 79 4.20 11.06 -37.41
C THR A 79 4.95 11.52 -36.17
N TYR A 80 5.07 10.64 -35.19
CA TYR A 80 5.71 10.95 -33.92
C TYR A 80 6.85 9.97 -33.70
N ASN A 81 8.08 10.46 -33.69
CA ASN A 81 9.27 9.65 -33.45
C ASN A 81 9.86 10.00 -32.10
N VAL A 82 10.26 8.98 -31.35
CA VAL A 82 10.92 9.19 -30.07
C VAL A 82 12.21 8.38 -29.98
N THR A 104 14.98 5.89 -32.63
CA THR A 104 13.59 6.25 -32.86
C THR A 104 12.69 5.02 -32.77
N LYS A 105 11.47 5.23 -32.26
CA LYS A 105 10.53 4.14 -32.04
C LYS A 105 9.27 4.26 -32.89
N THR A 106 9.08 5.42 -33.55
CA THR A 106 7.95 5.83 -34.41
C THR A 106 6.58 5.39 -33.87
N LEU A 107 6.19 5.95 -32.72
CA LEU A 107 4.96 5.57 -32.03
C LEU A 107 3.69 5.92 -32.80
N LEU A 108 3.75 6.88 -33.72
CA LEU A 108 2.64 7.19 -34.60
C LEU A 108 3.17 7.35 -36.01
N ASP A 109 2.44 6.82 -37.00
CA ASP A 109 2.92 6.76 -38.38
C ASP A 109 1.74 7.04 -39.31
N ASN A 110 1.70 8.26 -39.84
CA ASN A 110 0.80 8.68 -40.93
C ASN A 110 -0.67 8.55 -40.52
N ILE A 111 -1.00 9.15 -39.39
CA ILE A 111 -2.39 9.17 -38.93
C ILE A 111 -3.10 10.32 -39.62
N SER A 112 -4.34 10.08 -40.04
CA SER A 112 -5.14 11.09 -40.70
C SER A 112 -6.57 10.96 -40.23
N GLY A 113 -7.30 12.09 -40.23
CA GLY A 113 -8.68 12.03 -39.83
C GLY A 113 -9.35 13.39 -39.97
N GLU A 114 -10.63 13.41 -39.64
CA GLU A 114 -11.45 14.60 -39.75
C GLU A 114 -12.63 14.46 -38.80
N THR A 115 -12.98 15.55 -38.13
CA THR A 115 -14.05 15.53 -37.14
C THR A 115 -14.81 16.84 -37.22
N ARG A 116 -16.13 16.79 -37.10
CA ARG A 116 -16.97 17.98 -37.08
C ARG A 116 -17.63 18.13 -35.72
N ASP A 117 -18.42 19.18 -35.56
CA ASP A 117 -19.21 19.33 -34.36
C ASP A 117 -20.50 18.52 -34.46
N GLY A 118 -21.05 18.17 -33.31
CA GLY A 118 -22.20 17.28 -33.25
C GLY A 118 -21.86 15.82 -33.31
N GLU A 119 -20.59 15.47 -33.53
CA GLU A 119 -20.17 14.10 -33.74
C GLU A 119 -19.12 13.72 -32.70
N ILE A 120 -18.91 12.42 -32.54
CA ILE A 120 -17.91 11.87 -31.64
C ILE A 120 -16.97 11.02 -32.46
N LEU A 121 -15.68 11.33 -32.41
CA LEU A 121 -14.64 10.49 -33.00
C LEU A 121 -14.06 9.60 -31.92
N ALA A 122 -14.20 8.29 -32.09
CA ALA A 122 -13.68 7.32 -31.13
C ALA A 122 -12.43 6.66 -31.70
N VAL A 123 -11.43 6.47 -30.85
CA VAL A 123 -10.14 5.90 -31.24
C VAL A 123 -9.93 4.62 -30.46
N LEU A 124 -9.57 3.54 -31.16
CA LEU A 124 -9.47 2.21 -30.56
C LEU A 124 -8.18 1.51 -30.92
N GLY A 125 -8.09 0.22 -30.57
CA GLY A 125 -7.19 -0.69 -31.24
C GLY A 125 -6.41 -1.75 -30.47
N ALA A 126 -5.90 -1.44 -29.26
CA ALA A 126 -5.19 -2.37 -28.39
C ALA A 126 -4.81 -1.69 -27.09
N SER A 127 -4.13 -2.43 -26.21
CA SER A 127 -3.35 -1.84 -25.14
C SER A 127 -1.91 -1.69 -25.62
N GLY A 128 -1.37 -0.48 -25.51
CA GLY A 128 -0.12 -0.16 -26.14
C GLY A 128 -0.23 0.22 -27.59
N SER A 129 -1.45 0.48 -28.07
CA SER A 129 -1.69 0.73 -29.48
C SER A 129 -1.25 2.12 -29.91
N GLY A 130 -1.31 3.09 -29.02
CA GLY A 130 -0.98 4.46 -29.33
C GLY A 130 -2.15 5.42 -29.31
N LYS A 131 -3.29 5.02 -28.75
CA LYS A 131 -4.44 5.91 -28.73
C LYS A 131 -4.33 6.97 -27.65
N SER A 132 -3.59 6.69 -26.57
CA SER A 132 -3.29 7.74 -25.61
C SER A 132 -2.31 8.75 -26.19
N THR A 133 -1.45 8.30 -27.10
CA THR A 133 -0.47 9.19 -27.72
C THR A 133 -1.11 9.99 -28.85
N LEU A 134 -2.16 9.46 -29.47
CA LEU A 134 -2.81 10.18 -30.57
C LEU A 134 -3.59 11.40 -30.06
N ILE A 135 -4.34 11.26 -28.97
CA ILE A 135 -5.03 12.42 -28.42
C ILE A 135 -4.10 13.32 -27.64
N ASP A 136 -2.92 12.84 -27.23
CA ASP A 136 -1.91 13.73 -26.69
C ASP A 136 -1.31 14.60 -27.78
N ALA A 137 -1.17 14.07 -28.99
CA ALA A 137 -0.62 14.85 -30.08
C ALA A 137 -1.65 15.83 -30.64
N LEU A 138 -2.93 15.46 -30.60
CA LEU A 138 -3.98 16.37 -31.03
C LEU A 138 -4.21 17.51 -30.06
N ALA A 139 -3.83 17.33 -28.80
CA ALA A 139 -4.00 18.36 -27.77
C ALA A 139 -2.72 19.13 -27.50
N ASN A 140 -1.68 18.93 -28.32
CA ASN A 140 -0.38 19.61 -28.25
C ASN A 140 0.32 19.39 -26.92
N ARG A 141 0.04 18.28 -26.25
CA ARG A 141 0.64 17.97 -24.96
C ARG A 141 1.76 16.94 -25.12
N ILE A 142 2.81 17.37 -25.82
CA ILE A 142 3.93 16.52 -26.18
C ILE A 142 5.23 17.27 -25.89
N ALA A 143 6.34 16.67 -26.29
CA ALA A 143 7.61 17.36 -26.40
C ALA A 143 7.68 17.88 -27.83
N LYS A 144 7.27 19.12 -28.03
CA LYS A 144 7.06 19.66 -29.38
C LYS A 144 8.40 19.87 -30.08
N GLY A 145 8.45 19.50 -31.35
CA GLY A 145 9.69 19.34 -32.08
C GLY A 145 9.96 17.91 -32.50
N SER A 146 9.14 16.96 -32.05
CA SER A 146 9.22 15.57 -32.49
C SER A 146 8.01 15.14 -33.31
N LEU A 147 6.95 15.93 -33.32
CA LEU A 147 5.77 15.65 -34.13
C LEU A 147 5.86 16.39 -35.44
N LYS A 148 5.67 15.68 -36.54
CA LYS A 148 5.58 16.27 -37.87
C LYS A 148 4.21 15.97 -38.44
N GLY A 149 3.51 16.99 -38.87
CA GLY A 149 2.16 16.86 -39.38
C GLY A 149 1.36 18.09 -39.07
N THR A 150 0.26 18.26 -39.80
CA THR A 150 -0.57 19.46 -39.69
C THR A 150 -1.89 19.14 -39.00
N VAL A 151 -2.23 19.95 -38.00
CA VAL A 151 -3.49 19.83 -37.27
C VAL A 151 -4.19 21.18 -37.39
N THR A 152 -5.25 21.23 -38.19
CA THR A 152 -5.95 22.47 -38.47
C THR A 152 -7.37 22.40 -37.96
N LEU A 153 -7.84 23.48 -37.34
CA LEU A 153 -9.23 23.62 -36.94
C LEU A 153 -9.87 24.66 -37.84
N ASN A 154 -10.94 24.26 -38.53
CA ASN A 154 -11.79 25.10 -39.36
C ASN A 154 -11.04 25.70 -40.55
N GLY A 155 -9.90 25.12 -40.91
CA GLY A 155 -9.15 25.53 -42.07
C GLY A 155 -7.74 26.04 -41.81
N GLU A 156 -7.55 26.85 -40.76
CA GLU A 156 -6.28 27.59 -40.66
C GLU A 156 -5.14 26.78 -40.03
N ALA A 157 -5.21 26.56 -38.72
CA ALA A 157 -4.11 26.00 -37.92
C ALA A 157 -4.57 25.89 -36.48
N LEU A 158 -3.71 25.30 -35.65
CA LEU A 158 -3.89 25.26 -34.20
C LEU A 158 -2.53 25.45 -33.52
N GLN A 159 -2.26 26.67 -33.10
CA GLN A 159 -1.15 26.89 -32.19
C GLN A 159 -1.61 26.65 -30.76
N SER A 160 -0.64 26.61 -29.84
CA SER A 160 -0.93 26.19 -28.48
C SER A 160 -1.67 27.24 -27.67
N ARG A 161 -1.68 28.49 -28.11
CA ARG A 161 -2.33 29.54 -27.32
C ARG A 161 -3.82 29.65 -27.61
N MET A 162 -4.28 29.16 -28.75
CA MET A 162 -5.73 29.06 -28.97
C MET A 162 -6.31 27.83 -28.31
N LEU A 163 -5.53 26.74 -28.26
CA LEU A 163 -5.99 25.48 -27.71
C LEU A 163 -6.09 25.49 -26.20
N LYS A 164 -5.59 26.51 -25.51
CA LYS A 164 -5.77 26.62 -24.07
C LYS A 164 -6.97 27.46 -23.69
N VAL A 165 -7.70 27.99 -24.68
CA VAL A 165 -8.90 28.77 -24.44
C VAL A 165 -10.16 27.99 -24.81
N ILE A 166 -10.07 27.18 -25.87
CA ILE A 166 -11.23 26.55 -26.48
C ILE A 166 -11.25 25.05 -26.32
N SER A 167 -10.28 24.46 -25.62
CA SER A 167 -10.23 23.02 -25.51
C SER A 167 -10.11 22.59 -24.05
N ALA A 168 -10.30 21.29 -23.84
CA ALA A 168 -10.15 20.68 -22.54
C ALA A 168 -9.72 19.23 -22.75
N TYR A 169 -8.94 18.71 -21.81
CA TYR A 169 -8.44 17.34 -21.86
C TYR A 169 -8.78 16.69 -20.52
N VAL A 170 -9.73 15.76 -20.55
CA VAL A 170 -10.12 15.01 -19.37
C VAL A 170 -9.21 13.79 -19.28
N MET A 171 -8.41 13.71 -18.22
CA MET A 171 -7.48 12.61 -18.07
C MET A 171 -8.19 11.38 -17.49
N GLN A 172 -7.49 10.25 -17.51
CA GLN A 172 -8.09 8.97 -17.17
C GLN A 172 -7.86 8.61 -15.72
N ASP A 173 -8.70 9.18 -14.83
CA ASP A 173 -9.20 8.66 -13.56
C ASP A 173 -10.07 9.73 -12.91
N ASP A 174 -10.63 9.43 -11.75
CA ASP A 174 -11.30 10.41 -10.92
C ASP A 174 -10.40 10.73 -9.74
N LEU A 175 -10.06 12.01 -9.59
CA LEU A 175 -9.29 12.50 -8.45
C LEU A 175 -10.05 13.67 -7.86
N LEU A 176 -10.93 13.39 -6.91
CA LEU A 176 -11.80 14.39 -6.32
C LEU A 176 -11.64 14.40 -4.81
N PHE A 177 -11.94 15.52 -4.20
CA PHE A 177 -12.01 15.58 -2.75
C PHE A 177 -13.32 14.96 -2.29
N PRO A 178 -13.28 14.00 -1.36
CA PRO A 178 -14.47 13.19 -1.08
C PRO A 178 -15.55 13.86 -0.23
N MET A 179 -15.19 14.83 0.60
CA MET A 179 -16.16 15.44 1.51
C MET A 179 -16.90 16.61 0.91
N LEU A 180 -16.74 16.87 -0.38
CA LEU A 180 -17.41 17.99 -1.03
C LEU A 180 -18.62 17.48 -1.79
N THR A 181 -19.72 18.22 -1.70
CA THR A 181 -20.88 17.94 -2.53
C THR A 181 -20.56 18.31 -3.97
N VAL A 182 -21.29 17.71 -4.91
CA VAL A 182 -20.96 17.91 -6.32
C VAL A 182 -21.35 19.29 -6.81
N GLU A 183 -22.20 20.02 -6.06
CA GLU A 183 -22.50 21.39 -6.43
C GLU A 183 -21.36 22.32 -6.07
N GLU A 184 -20.74 22.12 -4.91
CA GLU A 184 -19.61 22.95 -4.52
C GLU A 184 -18.28 22.46 -5.06
N THR A 185 -18.22 21.21 -5.53
CA THR A 185 -17.08 20.76 -6.31
C THR A 185 -17.01 21.49 -7.66
N LEU A 186 -18.16 21.62 -8.32
CA LEU A 186 -18.22 22.38 -9.56
C LEU A 186 -18.18 23.88 -9.32
N MET A 187 -18.57 24.33 -8.14
CA MET A 187 -18.48 25.75 -7.83
C MET A 187 -17.07 26.18 -7.51
N PHE A 188 -16.25 25.30 -6.92
CA PHE A 188 -14.85 25.63 -6.70
C PHE A 188 -14.08 25.67 -8.01
N ALA A 189 -14.46 24.81 -8.97
CA ALA A 189 -13.85 24.84 -10.28
C ALA A 189 -14.23 26.10 -11.05
N ALA A 190 -15.42 26.65 -10.81
CA ALA A 190 -15.80 27.88 -11.49
C ALA A 190 -15.05 29.08 -10.95
N GLU A 191 -14.73 29.09 -9.65
CA GLU A 191 -13.99 30.21 -9.08
C GLU A 191 -12.52 30.23 -9.49
N PHE A 192 -11.97 29.10 -9.92
CA PHE A 192 -10.58 29.06 -10.32
C PHE A 192 -10.38 29.40 -11.79
N ARG A 193 -11.38 29.12 -12.62
CA ARG A 193 -11.20 29.13 -14.07
C ARG A 193 -12.00 30.21 -14.77
N LEU A 194 -13.24 30.46 -14.35
CA LEU A 194 -14.02 31.53 -14.95
C LEU A 194 -13.47 32.88 -14.48
N PRO A 195 -13.58 33.92 -15.32
CA PRO A 195 -12.93 35.19 -14.99
C PRO A 195 -13.58 35.91 -13.82
N ARG A 196 -12.79 36.75 -13.16
CA ARG A 196 -13.26 37.54 -12.04
C ARG A 196 -14.16 38.69 -12.46
N SER A 197 -14.17 39.03 -13.76
CA SER A 197 -15.12 39.99 -14.28
C SER A 197 -16.54 39.47 -14.19
N LEU A 198 -16.73 38.16 -14.29
CA LEU A 198 -18.04 37.56 -14.19
C LEU A 198 -18.54 37.65 -12.76
N PRO A 199 -19.80 38.02 -12.53
CA PRO A 199 -20.32 38.02 -11.16
C PRO A 199 -20.51 36.61 -10.64
N LYS A 200 -20.59 36.50 -9.31
CA LYS A 200 -20.73 35.18 -8.68
C LYS A 200 -22.13 34.62 -8.89
N SER A 201 -23.12 35.48 -9.17
CA SER A 201 -24.45 34.99 -9.50
C SER A 201 -24.48 34.31 -10.87
N LYS A 202 -23.72 34.81 -11.83
CA LYS A 202 -23.63 34.18 -13.13
C LYS A 202 -22.72 32.96 -13.13
N LYS A 203 -21.77 32.90 -12.20
CA LYS A 203 -20.97 31.68 -12.04
C LYS A 203 -21.82 30.55 -11.51
N LYS A 204 -22.74 30.85 -10.60
CA LYS A 204 -23.62 29.82 -10.05
C LYS A 204 -24.66 29.39 -11.08
N LEU A 205 -25.02 30.28 -12.00
CA LEU A 205 -25.93 29.91 -13.09
C LEU A 205 -25.26 28.98 -14.08
N ARG A 206 -23.94 29.13 -14.29
CA ARG A 206 -23.20 28.21 -15.14
C ARG A 206 -23.09 26.84 -14.50
N VAL A 207 -22.97 26.78 -13.18
CA VAL A 207 -22.90 25.49 -12.50
C VAL A 207 -24.25 24.79 -12.55
N GLN A 208 -25.34 25.55 -12.41
CA GLN A 208 -26.67 24.95 -12.45
C GLN A 208 -27.03 24.46 -13.84
N ALA A 209 -26.60 25.18 -14.89
CA ALA A 209 -26.85 24.73 -16.25
C ALA A 209 -25.99 23.53 -16.61
N LEU A 210 -24.84 23.37 -15.95
CA LEU A 210 -23.98 22.22 -16.19
C LEU A 210 -24.45 20.99 -15.42
N ILE A 211 -25.08 21.20 -14.26
CA ILE A 211 -25.64 20.10 -13.48
C ILE A 211 -26.79 19.44 -14.25
N ASP A 212 -27.58 20.25 -14.96
CA ASP A 212 -28.67 19.70 -15.77
C ASP A 212 -28.16 19.05 -17.05
N GLN A 213 -27.08 19.56 -17.64
CA GLN A 213 -26.57 18.98 -18.88
C GLN A 213 -25.89 17.65 -18.61
N LEU A 214 -25.17 17.55 -17.50
CA LEU A 214 -24.70 16.27 -17.01
C LEU A 214 -25.88 15.50 -16.41
N GLY A 215 -25.66 14.22 -16.15
CA GLY A 215 -26.77 13.41 -15.65
C GLY A 215 -26.82 13.31 -14.13
N ILE A 216 -26.52 14.40 -13.43
CA ILE A 216 -26.28 14.34 -11.99
C ILE A 216 -27.14 15.34 -11.25
N ARG A 217 -28.35 15.59 -11.75
CA ARG A 217 -29.31 16.40 -11.00
C ARG A 217 -29.84 15.65 -9.79
N ASN A 218 -29.94 14.31 -9.88
CA ASN A 218 -30.50 13.51 -8.79
C ASN A 218 -29.60 13.49 -7.56
N ALA A 219 -28.30 13.69 -7.74
CA ALA A 219 -27.35 13.75 -6.64
C ALA A 219 -26.55 15.03 -6.81
N ALA A 220 -27.14 16.15 -6.39
CA ALA A 220 -26.50 17.45 -6.48
C ALA A 220 -25.95 17.93 -5.15
N LYS A 221 -26.44 17.40 -4.04
CA LYS A 221 -25.94 17.74 -2.71
C LYS A 221 -25.37 16.54 -1.99
N THR A 222 -25.33 15.38 -2.63
CA THR A 222 -24.60 14.25 -2.07
C THR A 222 -23.11 14.53 -2.17
N ILE A 223 -22.36 14.11 -1.15
CA ILE A 223 -20.91 14.23 -1.19
C ILE A 223 -20.37 13.23 -2.21
N ILE A 224 -19.11 13.40 -2.62
CA ILE A 224 -18.56 12.55 -3.66
C ILE A 224 -18.18 11.19 -3.09
N GLY A 225 -17.57 11.16 -1.91
CA GLY A 225 -17.27 9.92 -1.24
C GLY A 225 -15.97 9.31 -1.72
N ASP A 226 -15.62 8.19 -1.08
CA ASP A 226 -14.37 7.48 -1.32
C ASP A 226 -14.65 6.01 -1.07
N GLU A 227 -13.60 5.26 -0.75
CA GLU A 227 -13.68 3.85 -0.36
C GLU A 227 -14.80 3.56 0.65
N GLY A 228 -14.72 4.13 1.86
CA GLY A 228 -15.95 4.23 2.61
C GLY A 228 -16.31 5.60 3.16
N HIS A 229 -17.22 6.30 2.48
CA HIS A 229 -18.08 7.32 3.09
C HIS A 229 -19.47 7.39 2.49
N ARG A 230 -19.81 6.53 1.52
CA ARG A 230 -21.14 6.41 0.91
C ARG A 230 -21.61 7.73 0.28
N GLY A 231 -20.92 8.11 -0.79
CA GLY A 231 -21.32 9.25 -1.57
C GLY A 231 -22.12 8.90 -2.81
N ILE A 232 -21.61 9.27 -3.98
CA ILE A 232 -22.27 9.00 -5.23
C ILE A 232 -21.63 7.78 -5.89
N SER A 233 -22.30 7.24 -6.90
CA SER A 233 -21.85 6.02 -7.56
C SER A 233 -20.68 6.32 -8.49
N GLY A 234 -20.10 5.26 -9.05
CA GLY A 234 -18.93 5.40 -9.90
C GLY A 234 -19.21 6.05 -11.24
N GLY A 235 -20.44 5.96 -11.73
CA GLY A 235 -20.79 6.55 -13.01
C GLY A 235 -21.15 8.02 -12.92
N GLU A 236 -21.57 8.46 -11.74
CA GLU A 236 -21.80 9.87 -11.47
C GLU A 236 -20.56 10.58 -10.97
N ARG A 237 -19.57 9.86 -10.44
CA ARG A 237 -18.27 10.46 -10.19
C ARG A 237 -17.56 10.81 -11.48
N ARG A 238 -17.79 10.01 -12.53
CA ARG A 238 -17.16 10.26 -13.81
C ARG A 238 -17.72 11.49 -14.50
N ARG A 239 -19.01 11.76 -14.33
CA ARG A 239 -19.59 12.96 -14.92
C ARG A 239 -19.28 14.21 -14.11
N VAL A 240 -18.89 14.06 -12.84
CA VAL A 240 -18.39 15.20 -12.08
C VAL A 240 -17.00 15.58 -12.55
N SER A 241 -16.11 14.60 -12.71
CA SER A 241 -14.76 14.87 -13.17
C SER A 241 -14.72 15.32 -14.63
N ILE A 242 -15.69 14.89 -15.43
CA ILE A 242 -15.83 15.45 -16.77
C ILE A 242 -16.33 16.88 -16.69
N GLY A 243 -17.34 17.13 -15.86
CA GLY A 243 -17.92 18.46 -15.72
C GLY A 243 -17.01 19.49 -15.09
N ILE A 244 -16.03 19.06 -14.30
CA ILE A 244 -15.01 19.98 -13.81
C ILE A 244 -14.18 20.52 -14.96
N ASP A 245 -13.77 19.63 -15.87
CA ASP A 245 -12.93 20.04 -16.98
C ASP A 245 -13.69 20.85 -18.02
N ILE A 246 -14.97 20.59 -18.24
CA ILE A 246 -15.78 21.51 -19.02
C ILE A 246 -16.53 22.51 -18.13
N ILE A 247 -15.82 23.48 -17.59
CA ILE A 247 -16.47 24.54 -16.83
C ILE A 247 -16.50 25.85 -17.62
N HIS A 248 -15.57 26.04 -18.54
CA HIS A 248 -15.54 27.14 -19.48
C HIS A 248 -16.30 26.83 -20.77
N ASP A 249 -16.91 25.65 -20.86
CA ASP A 249 -17.64 25.10 -22.01
C ASP A 249 -16.80 25.17 -23.28
N PRO A 250 -15.80 24.29 -23.43
CA PRO A 250 -14.93 24.35 -24.61
C PRO A 250 -15.61 23.96 -25.91
N ILE A 251 -14.91 24.11 -27.03
CA ILE A 251 -15.42 23.75 -28.34
C ILE A 251 -14.86 22.37 -28.70
N VAL A 252 -13.63 22.10 -28.28
CA VAL A 252 -12.99 20.82 -28.52
C VAL A 252 -12.82 20.13 -27.17
N LEU A 253 -13.14 18.84 -27.11
CA LEU A 253 -13.07 18.11 -25.85
C LEU A 253 -12.33 16.79 -26.08
N PHE A 254 -11.10 16.71 -25.56
CA PHE A 254 -10.34 15.47 -25.59
C PHE A 254 -10.59 14.67 -24.33
N LEU A 255 -10.72 13.35 -24.48
CA LEU A 255 -11.12 12.47 -23.39
C LEU A 255 -10.29 11.20 -23.48
N ASP A 256 -9.46 10.94 -22.47
CA ASP A 256 -8.68 9.71 -22.44
C ASP A 256 -9.48 8.67 -21.67
N GLU A 257 -10.17 7.79 -22.40
CA GLU A 257 -10.99 6.68 -21.93
C GLU A 257 -12.01 7.09 -20.88
N PRO A 258 -13.07 7.81 -21.25
CA PRO A 258 -14.01 8.30 -20.23
C PRO A 258 -14.95 7.25 -19.68
N THR A 259 -14.98 6.04 -20.22
CA THR A 259 -15.83 4.97 -19.71
C THR A 259 -15.02 3.85 -19.09
N SER A 260 -13.79 4.14 -18.68
CA SER A 260 -12.89 3.13 -18.15
C SER A 260 -13.29 2.76 -16.74
N GLY A 261 -13.50 1.46 -16.50
CA GLY A 261 -13.85 0.98 -15.18
C GLY A 261 -15.31 1.08 -14.81
N LEU A 262 -16.19 1.27 -15.78
CA LEU A 262 -17.61 1.39 -15.52
C LEU A 262 -18.37 0.19 -16.07
N ASP A 263 -19.48 -0.14 -15.43
CA ASP A 263 -20.39 -1.12 -16.00
C ASP A 263 -21.15 -0.49 -17.16
N SER A 264 -21.67 -1.34 -18.05
CA SER A 264 -22.15 -0.89 -19.34
C SER A 264 -23.45 -0.08 -19.27
N THR A 265 -24.17 -0.10 -18.14
CA THR A 265 -25.34 0.75 -18.03
C THR A 265 -24.97 2.14 -17.51
N SER A 266 -23.79 2.31 -16.92
CA SER A 266 -23.27 3.63 -16.57
C SER A 266 -22.24 4.13 -17.56
N ALA A 267 -21.60 3.22 -18.31
CA ALA A 267 -20.77 3.63 -19.44
C ALA A 267 -21.61 4.05 -20.64
N PHE A 268 -22.91 3.77 -20.64
CA PHE A 268 -23.78 4.28 -21.69
C PHE A 268 -24.26 5.68 -21.38
N MET A 269 -24.48 5.98 -20.11
CA MET A 269 -24.93 7.32 -19.72
C MET A 269 -23.81 8.35 -19.82
N VAL A 270 -22.55 7.92 -19.74
CA VAL A 270 -21.43 8.83 -19.96
C VAL A 270 -21.38 9.27 -21.42
N VAL A 271 -21.48 8.32 -22.35
CA VAL A 271 -21.44 8.64 -23.78
C VAL A 271 -22.72 9.33 -24.23
N LYS A 272 -23.85 9.09 -23.54
CA LYS A 272 -25.07 9.83 -23.87
C LYS A 272 -24.98 11.28 -23.41
N VAL A 273 -24.20 11.54 -22.36
CA VAL A 273 -23.91 12.91 -21.95
C VAL A 273 -22.92 13.56 -22.91
N LEU A 274 -21.91 12.81 -23.37
CA LEU A 274 -20.94 13.33 -24.33
C LEU A 274 -21.57 13.59 -25.68
N LYS A 275 -22.62 12.83 -26.04
CA LYS A 275 -23.37 13.14 -27.24
C LYS A 275 -24.23 14.38 -27.05
N ARG A 276 -24.65 14.66 -25.82
CA ARG A 276 -25.42 15.86 -25.54
C ARG A 276 -24.56 17.12 -25.58
N ILE A 277 -23.30 17.00 -25.13
CA ILE A 277 -22.37 18.12 -25.21
C ILE A 277 -21.99 18.39 -26.66
N ALA A 278 -21.89 17.34 -27.48
CA ALA A 278 -21.55 17.50 -28.89
C ALA A 278 -22.66 18.21 -29.65
N GLU A 279 -23.93 17.94 -29.31
CA GLU A 279 -25.05 18.60 -29.96
C GLU A 279 -25.15 20.08 -29.62
N SER A 280 -24.48 20.54 -28.56
CA SER A 280 -24.45 21.95 -28.24
C SER A 280 -23.45 22.73 -29.08
N GLY A 281 -22.63 22.04 -29.89
CA GLY A 281 -21.70 22.70 -30.76
C GLY A 281 -20.25 22.37 -30.46
N SER A 282 -20.00 21.18 -29.93
CA SER A 282 -18.67 20.80 -29.52
C SER A 282 -18.14 19.65 -30.38
N ILE A 283 -16.82 19.50 -30.33
CA ILE A 283 -16.11 18.43 -31.02
C ILE A 283 -15.55 17.49 -29.95
N ILE A 284 -15.95 16.23 -30.01
CA ILE A 284 -15.55 15.21 -29.03
C ILE A 284 -14.58 14.26 -29.70
N ILE A 285 -13.44 14.02 -29.06
CA ILE A 285 -12.46 13.04 -29.50
C ILE A 285 -12.08 12.21 -28.29
N MET A 286 -12.44 10.93 -28.29
CA MET A 286 -12.28 10.09 -27.11
C MET A 286 -11.64 8.75 -27.45
N SER A 287 -10.90 8.21 -26.50
CA SER A 287 -10.45 6.83 -26.55
C SER A 287 -11.48 5.95 -25.88
N ILE A 288 -11.53 4.68 -26.30
CA ILE A 288 -12.50 3.76 -25.73
C ILE A 288 -11.98 2.33 -25.80
N HIS A 289 -12.11 1.59 -24.70
CA HIS A 289 -11.88 0.16 -24.66
C HIS A 289 -13.22 -0.57 -24.66
N GLN A 290 -13.41 -1.46 -25.64
CA GLN A 290 -14.55 -2.36 -25.81
C GLN A 290 -15.90 -1.65 -25.78
N PRO A 291 -16.28 -0.92 -26.81
CA PRO A 291 -17.63 -0.34 -26.86
C PRO A 291 -18.68 -1.42 -27.02
N SER A 292 -19.85 -1.17 -26.45
CA SER A 292 -20.95 -2.13 -26.51
C SER A 292 -21.78 -1.85 -27.75
N HIS A 293 -22.92 -2.54 -27.88
CA HIS A 293 -23.84 -2.27 -28.98
C HIS A 293 -24.63 -0.99 -28.77
N ARG A 294 -24.74 -0.51 -27.54
CA ARG A 294 -25.52 0.69 -27.26
C ARG A 294 -24.71 1.96 -27.44
N VAL A 295 -23.46 1.97 -26.98
CA VAL A 295 -22.66 3.17 -27.15
C VAL A 295 -22.09 3.29 -28.57
N LEU A 296 -22.10 2.21 -29.35
CA LEU A 296 -21.63 2.28 -30.73
C LEU A 296 -22.60 3.00 -31.64
N SER A 297 -23.89 3.08 -31.26
CA SER A 297 -24.84 3.86 -32.04
C SER A 297 -24.64 5.36 -31.87
N LEU A 298 -23.95 5.78 -30.80
CA LEU A 298 -23.70 7.19 -30.55
C LEU A 298 -22.41 7.68 -31.16
N LEU A 299 -21.43 6.80 -31.38
CA LEU A 299 -20.20 7.19 -32.03
C LEU A 299 -20.42 7.31 -33.53
N ASP A 300 -19.94 8.40 -34.12
CA ASP A 300 -20.17 8.68 -35.53
C ASP A 300 -18.97 8.36 -36.42
N ARG A 301 -17.78 8.29 -35.85
CA ARG A 301 -16.58 7.96 -36.61
C ARG A 301 -15.68 7.08 -35.76
N LEU A 302 -14.96 6.19 -36.43
CA LEU A 302 -14.06 5.26 -35.75
C LEU A 302 -12.68 5.31 -36.38
N ILE A 303 -11.65 5.17 -35.55
CA ILE A 303 -10.28 5.02 -36.01
C ILE A 303 -9.66 3.87 -35.21
N PHE A 304 -9.27 2.82 -35.91
CA PHE A 304 -8.60 1.67 -35.29
C PHE A 304 -7.10 1.78 -35.55
N LEU A 305 -6.32 1.60 -34.50
CA LEU A 305 -4.88 1.71 -34.61
C LEU A 305 -4.24 0.37 -34.29
N SER A 306 -3.09 0.11 -34.93
CA SER A 306 -2.32 -1.10 -34.70
C SER A 306 -0.85 -0.70 -34.67
N ARG A 307 -0.30 -0.62 -33.46
CA ARG A 307 1.01 0.00 -33.12
C ARG A 307 1.30 1.25 -33.93
N GLY A 308 0.37 2.20 -33.85
CA GLY A 308 0.58 3.51 -34.44
C GLY A 308 0.36 3.59 -35.93
N HIS A 309 -0.35 2.64 -36.52
CA HIS A 309 -0.76 2.71 -37.91
C HIS A 309 -2.27 2.61 -37.97
N THR A 310 -2.89 3.48 -38.77
CA THR A 310 -4.34 3.42 -38.92
C THR A 310 -4.73 2.26 -39.82
N VAL A 311 -5.63 1.40 -39.33
CA VAL A 311 -6.08 0.24 -40.07
C VAL A 311 -7.56 0.30 -40.42
N PHE A 312 -8.32 1.22 -39.84
CA PHE A 312 -9.68 1.48 -40.25
C PHE A 312 -10.00 2.94 -39.94
N SER A 313 -10.82 3.54 -40.80
CA SER A 313 -11.24 4.93 -40.61
C SER A 313 -12.59 5.09 -41.28
N GLY A 314 -13.64 5.23 -40.49
CA GLY A 314 -14.95 5.45 -41.07
C GLY A 314 -16.05 5.28 -40.05
N SER A 315 -17.28 5.33 -40.55
CA SER A 315 -18.47 5.20 -39.73
C SER A 315 -18.62 3.76 -39.23
N PRO A 316 -19.35 3.55 -38.13
CA PRO A 316 -19.71 2.18 -37.74
C PRO A 316 -20.53 1.43 -38.78
N ALA A 317 -21.32 2.13 -39.59
CA ALA A 317 -22.04 1.49 -40.69
C ALA A 317 -21.23 1.49 -41.98
N SER A 318 -19.96 1.13 -41.86
CA SER A 318 -19.13 0.77 -43.00
C SER A 318 -18.20 -0.38 -42.67
N LEU A 319 -18.31 -0.95 -41.48
CA LEU A 319 -17.47 -2.01 -40.96
C LEU A 319 -17.79 -3.40 -41.52
N PRO A 320 -19.05 -3.79 -41.76
CA PRO A 320 -19.25 -5.01 -42.56
C PRO A 320 -18.79 -4.87 -43.99
N SER A 321 -18.94 -3.69 -44.59
CA SER A 321 -18.48 -3.47 -45.96
C SER A 321 -16.96 -3.40 -46.07
N PHE A 322 -16.27 -3.03 -45.00
CA PHE A 322 -14.82 -2.90 -45.04
C PHE A 322 -14.16 -4.27 -45.04
N PHE A 323 -14.53 -5.12 -44.08
CA PHE A 323 -13.86 -6.41 -43.92
C PHE A 323 -14.39 -7.48 -44.87
N ALA A 324 -15.49 -7.22 -45.57
CA ALA A 324 -15.89 -8.10 -46.65
C ALA A 324 -14.92 -8.01 -47.82
N GLY A 325 -14.37 -6.82 -48.07
CA GLY A 325 -13.36 -6.65 -49.09
C GLY A 325 -11.97 -7.10 -48.68
N PHE A 326 -11.76 -7.38 -47.40
CA PHE A 326 -10.47 -7.87 -46.93
C PHE A 326 -10.38 -9.39 -46.99
N GLY A 327 -11.50 -10.08 -47.06
CA GLY A 327 -11.52 -11.53 -47.19
C GLY A 327 -12.25 -12.26 -46.09
N ASN A 328 -12.74 -11.58 -45.07
CA ASN A 328 -13.41 -12.25 -43.94
C ASN A 328 -14.49 -11.34 -43.37
N PRO A 329 -15.75 -11.57 -43.74
CA PRO A 329 -16.83 -10.71 -43.25
C PRO A 329 -17.16 -10.99 -41.79
N ILE A 330 -18.08 -10.19 -41.27
CA ILE A 330 -18.49 -10.24 -39.87
C ILE A 330 -19.76 -11.06 -39.77
N PRO A 331 -19.83 -12.06 -38.89
CA PRO A 331 -21.03 -12.89 -38.80
C PRO A 331 -22.19 -12.14 -38.14
N GLU A 332 -23.38 -12.70 -38.32
CA GLU A 332 -24.58 -12.21 -37.67
C GLU A 332 -24.53 -12.58 -36.19
N ASN A 333 -25.15 -11.73 -35.36
CA ASN A 333 -25.19 -11.85 -33.89
C ASN A 333 -23.77 -11.84 -33.29
N GLU A 334 -22.90 -11.03 -33.89
CA GLU A 334 -21.56 -10.79 -33.39
C GLU A 334 -21.39 -9.29 -33.24
N ASN A 335 -20.71 -8.89 -32.17
CA ASN A 335 -20.50 -7.47 -31.90
C ASN A 335 -19.47 -6.91 -32.88
N GLN A 336 -19.88 -5.91 -33.65
CA GLN A 336 -18.92 -5.16 -34.44
C GLN A 336 -18.09 -4.26 -33.52
N THR A 337 -16.90 -3.91 -33.99
CA THR A 337 -15.77 -3.32 -33.23
C THR A 337 -15.31 -4.24 -32.10
N GLU A 338 -15.68 -5.51 -32.14
CA GLU A 338 -15.18 -6.55 -31.24
C GLU A 338 -14.55 -7.68 -32.02
N PHE A 339 -15.25 -8.18 -33.05
CA PHE A 339 -14.63 -9.09 -34.01
C PHE A 339 -13.56 -8.38 -34.81
N ALA A 340 -13.77 -7.10 -35.11
CA ALA A 340 -12.74 -6.32 -35.79
C ALA A 340 -11.54 -6.09 -34.87
N LEU A 341 -11.80 -5.88 -33.58
CA LEU A 341 -10.71 -5.72 -32.61
C LEU A 341 -9.95 -7.02 -32.38
N ASP A 342 -10.63 -8.15 -32.49
CA ASP A 342 -9.97 -9.44 -32.31
C ASP A 342 -9.18 -9.84 -33.56
N LEU A 343 -9.67 -9.47 -34.75
CA LEU A 343 -8.98 -9.81 -35.99
C LEU A 343 -7.66 -9.05 -36.13
N ILE A 344 -7.59 -7.81 -35.63
CA ILE A 344 -6.35 -7.06 -35.65
C ILE A 344 -5.35 -7.68 -34.69
N ARG A 345 -5.82 -8.16 -33.54
CA ARG A 345 -4.95 -8.88 -32.62
C ARG A 345 -4.58 -10.26 -33.15
N GLU A 346 -5.45 -10.86 -33.96
CA GLU A 346 -5.11 -12.14 -34.58
C GLU A 346 -4.10 -11.96 -35.71
N LEU A 347 -4.10 -10.81 -36.37
CA LEU A 347 -3.23 -10.55 -37.50
C LEU A 347 -1.89 -9.95 -37.07
N GLU A 348 -1.59 -10.01 -35.77
CA GLU A 348 -0.28 -9.62 -35.25
C GLU A 348 0.67 -10.79 -35.14
N GLY A 349 0.58 -11.77 -36.04
CA GLY A 349 1.43 -12.95 -35.98
C GLY A 349 2.82 -12.72 -36.52
N SER A 350 3.34 -13.71 -37.25
CA SER A 350 4.72 -13.69 -37.70
C SER A 350 4.89 -13.85 -39.21
N ALA A 351 3.87 -14.30 -39.93
CA ALA A 351 4.00 -14.50 -41.36
C ALA A 351 3.54 -13.28 -42.15
N GLY A 352 2.28 -12.91 -42.01
CA GLY A 352 1.74 -11.79 -42.76
C GLY A 352 1.90 -10.45 -42.07
N GLY A 353 1.35 -10.33 -40.86
CA GLY A 353 1.31 -9.06 -40.16
C GLY A 353 0.19 -8.17 -40.65
N THR A 354 0.00 -7.05 -39.94
CA THR A 354 -1.06 -6.11 -40.29
C THR A 354 -0.68 -5.13 -41.39
N ARG A 355 0.50 -5.28 -42.00
CA ARG A 355 0.94 -4.39 -43.06
C ARG A 355 0.07 -4.50 -44.29
N GLY A 356 -0.51 -5.67 -44.54
CA GLY A 356 -1.49 -5.79 -45.60
C GLY A 356 -2.79 -5.06 -45.29
N LEU A 357 -3.10 -4.88 -44.00
CA LEU A 357 -4.31 -4.17 -43.59
C LEU A 357 -4.11 -2.65 -43.54
N VAL A 358 -2.90 -2.20 -43.20
CA VAL A 358 -2.57 -0.78 -43.30
C VAL A 358 -2.59 -0.32 -44.75
N GLU A 359 -2.13 -1.18 -45.66
CA GLU A 359 -2.13 -0.82 -47.07
C GLU A 359 -3.53 -0.93 -47.67
N PHE A 360 -4.34 -1.88 -47.18
CA PHE A 360 -5.72 -1.99 -47.65
C PHE A 360 -6.57 -0.81 -47.21
N ASN A 361 -6.28 -0.25 -46.02
CA ASN A 361 -7.07 0.86 -45.52
C ASN A 361 -6.77 2.14 -46.28
N LYS A 362 -5.49 2.40 -46.58
CA LYS A 362 -5.10 3.66 -47.20
C LYS A 362 -5.49 3.75 -48.68
N LYS A 363 -5.97 2.66 -49.29
CA LYS A 363 -6.64 2.76 -50.58
C LYS A 363 -8.14 2.56 -50.49
N TRP A 364 -8.65 2.03 -49.37
CA TRP A 364 -10.09 2.03 -49.14
C TRP A 364 -10.61 3.44 -48.95
N GLN A 365 -9.82 4.33 -48.36
CA GLN A 365 -10.24 5.72 -48.19
C GLN A 365 -10.21 6.48 -49.51
N GLU A 366 -9.43 6.01 -50.48
CA GLU A 366 -9.33 6.62 -51.78
C GLU A 366 -10.54 6.35 -52.67
N MET A 367 -11.36 5.36 -52.31
CA MET A 367 -12.61 5.08 -53.02
C MET A 367 -13.75 5.94 -52.54
N LYS A 368 -13.53 6.82 -51.57
CA LYS A 368 -14.57 7.68 -51.02
C LYS A 368 -14.25 9.16 -51.24
N LYS A 369 -13.33 9.45 -52.15
CA LYS A 369 -12.95 10.83 -52.43
C LYS A 369 -13.97 11.57 -53.28
N GLN A 370 -14.81 10.84 -54.02
CA GLN A 370 -15.69 11.47 -55.01
C GLN A 370 -16.91 12.09 -54.36
N SER A 371 -17.74 11.26 -53.73
CA SER A 371 -19.02 11.63 -53.10
C SER A 371 -19.97 12.37 -54.05
N LEU A 386 -15.03 28.24 -41.42
CA LEU A 386 -14.62 29.49 -42.05
C LEU A 386 -14.46 30.60 -41.00
N THR A 387 -13.45 31.44 -41.22
CA THR A 387 -13.21 32.69 -40.47
C THR A 387 -13.05 32.42 -38.97
N LEU A 388 -11.95 31.71 -38.65
CA LEU A 388 -11.78 31.06 -37.36
C LEU A 388 -11.76 32.04 -36.19
N LYS A 389 -11.14 33.21 -36.38
CA LYS A 389 -11.15 34.22 -35.31
C LYS A 389 -12.55 34.80 -35.10
N GLU A 390 -13.37 34.85 -36.15
CA GLU A 390 -14.75 35.29 -36.00
C GLU A 390 -15.74 34.14 -35.85
N ALA A 391 -15.36 32.92 -36.21
CA ALA A 391 -16.22 31.78 -35.90
C ALA A 391 -16.20 31.45 -34.41
N ILE A 392 -15.05 31.66 -33.76
CA ILE A 392 -14.97 31.52 -32.31
C ILE A 392 -15.78 32.62 -31.63
N SER A 393 -15.63 33.86 -32.10
CA SER A 393 -16.38 34.99 -31.56
C SER A 393 -17.87 34.89 -31.84
N ALA A 394 -18.27 34.17 -32.87
CA ALA A 394 -19.69 33.94 -33.09
C ALA A 394 -20.27 32.97 -32.06
N SER A 395 -19.46 32.02 -31.60
CA SER A 395 -19.93 31.02 -30.64
C SER A 395 -20.03 31.58 -29.22
N ILE A 396 -19.22 32.59 -28.89
CA ILE A 396 -19.35 33.26 -27.61
C ILE A 396 -20.67 34.02 -27.54
N SER A 397 -21.12 34.57 -28.66
CA SER A 397 -22.43 35.19 -28.74
C SER A 397 -23.56 34.17 -28.65
N ARG A 398 -23.33 32.94 -29.12
CA ARG A 398 -24.35 31.90 -28.98
C ARG A 398 -24.47 31.44 -27.53
N GLY A 399 -23.40 31.58 -26.76
CA GLY A 399 -23.45 31.22 -25.35
C GLY A 399 -22.54 30.07 -24.96
N LYS A 400 -21.38 29.94 -25.59
CA LYS A 400 -20.52 28.83 -25.25
C LYS A 400 -19.34 29.23 -24.37
N LEU A 401 -18.45 30.08 -24.85
CA LEU A 401 -17.22 30.32 -24.10
C LEU A 401 -17.41 31.34 -22.99
N VAL A 402 -17.60 30.86 -21.77
CA VAL A 402 -17.76 31.69 -20.59
C VAL A 402 -16.48 32.48 -20.33
N SER A 403 -15.33 31.79 -20.37
CA SER A 403 -14.06 32.45 -20.12
C SER A 403 -13.53 33.13 -21.38
N PRO A 422 -5.08 37.03 -19.31
CA PRO A 422 -4.29 36.67 -18.13
C PRO A 422 -4.05 35.17 -18.02
N ALA A 423 -2.89 34.79 -17.47
CA ALA A 423 -2.58 33.38 -17.29
C ALA A 423 -3.45 32.74 -16.23
N PHE A 424 -3.85 33.51 -15.23
CA PHE A 424 -4.70 33.03 -14.14
C PHE A 424 -5.89 33.96 -13.98
N ALA A 425 -7.06 33.38 -13.72
CA ALA A 425 -8.30 34.13 -13.65
C ALA A 425 -8.42 34.96 -12.38
N ASN A 426 -7.61 34.70 -11.36
CA ASN A 426 -7.71 35.38 -10.08
C ASN A 426 -6.34 35.91 -9.68
N PRO A 427 -6.29 36.97 -8.88
CA PRO A 427 -5.00 37.41 -8.32
C PRO A 427 -4.51 36.42 -7.27
N PHE A 428 -3.30 36.72 -6.79
CA PHE A 428 -2.55 35.79 -5.94
C PHE A 428 -3.23 35.56 -4.59
N TRP A 429 -3.96 36.55 -4.09
CA TRP A 429 -4.58 36.47 -2.78
C TRP A 429 -5.99 35.90 -2.82
N ILE A 430 -6.68 35.97 -3.96
CA ILE A 430 -7.98 35.32 -4.10
C ILE A 430 -7.81 33.80 -4.20
N GLU A 431 -6.73 33.35 -4.84
CA GLU A 431 -6.46 31.92 -4.94
C GLU A 431 -6.09 31.31 -3.61
N ILE A 432 -5.48 32.08 -2.71
CA ILE A 432 -5.14 31.56 -1.39
C ILE A 432 -6.40 31.41 -0.54
N LYS A 433 -7.30 32.41 -0.58
CA LYS A 433 -8.50 32.31 0.24
C LYS A 433 -9.51 31.31 -0.29
N THR A 434 -9.42 30.91 -1.56
CA THR A 434 -10.27 29.88 -2.12
C THR A 434 -9.70 28.49 -1.86
N LEU A 435 -8.38 28.35 -1.93
CA LEU A 435 -7.74 27.08 -1.61
C LEU A 435 -7.81 26.78 -0.12
N THR A 436 -7.73 27.81 0.73
CA THR A 436 -7.83 27.63 2.16
C THR A 436 -9.25 27.21 2.57
N ARG A 437 -10.25 27.86 1.99
CA ARG A 437 -11.65 27.54 2.28
C ARG A 437 -12.02 26.14 1.83
N ARG A 438 -11.41 25.65 0.74
CA ARG A 438 -11.69 24.29 0.29
C ARG A 438 -11.05 23.26 1.20
N SER A 439 -9.83 23.53 1.69
CA SER A 439 -9.15 22.60 2.58
C SER A 439 -9.79 22.57 3.96
N ILE A 440 -10.35 23.69 4.40
CA ILE A 440 -11.05 23.72 5.68
C ILE A 440 -12.34 22.94 5.61
N LEU A 441 -13.14 23.20 4.56
CA LEU A 441 -14.43 22.55 4.36
C LEU A 441 -14.30 21.06 4.12
N ASN A 442 -13.16 20.60 3.62
CA ASN A 442 -12.94 19.17 3.40
C ASN A 442 -12.45 18.45 4.65
N SER A 443 -11.75 19.13 5.55
CA SER A 443 -11.26 18.51 6.77
C SER A 443 -12.16 18.77 7.97
N ARG A 444 -13.03 19.77 7.90
CA ARG A 444 -14.07 19.94 8.91
C ARG A 444 -15.08 18.80 8.84
N ARG A 445 -15.39 18.32 7.64
CA ARG A 445 -16.32 17.21 7.47
C ARG A 445 -15.66 15.86 7.64
N GLN A 446 -14.37 15.81 7.94
CA GLN A 446 -13.68 14.59 8.36
C GLN A 446 -13.06 14.82 9.73
N PRO A 447 -13.87 14.97 10.80
CA PRO A 447 -13.28 15.25 12.10
C PRO A 447 -12.89 13.98 12.85
N GLU A 448 -12.32 13.02 12.12
CA GLU A 448 -11.74 11.82 12.71
C GLU A 448 -10.32 11.63 12.22
N LEU A 449 -9.82 12.53 11.39
CA LEU A 449 -8.40 12.58 11.05
C LEU A 449 -7.63 13.38 12.08
N LEU A 450 -8.21 14.49 12.55
CA LEU A 450 -7.60 15.24 13.64
C LEU A 450 -7.80 14.53 14.97
N GLY A 451 -8.93 13.84 15.13
CA GLY A 451 -9.19 13.13 16.37
C GLY A 451 -8.30 11.92 16.57
N MET A 452 -7.91 11.25 15.48
CA MET A 452 -6.95 10.16 15.59
C MET A 452 -5.52 10.67 15.73
N ARG A 453 -5.26 11.91 15.38
CA ARG A 453 -3.94 12.50 15.62
C ARG A 453 -3.82 13.07 17.02
N LEU A 454 -4.90 13.62 17.57
CA LEU A 454 -4.93 13.97 18.98
C LEU A 454 -4.79 12.74 19.87
N ALA A 455 -5.41 11.63 19.47
CA ALA A 455 -5.39 10.45 20.32
C ALA A 455 -4.04 9.77 20.32
N THR A 456 -3.26 9.91 19.25
CA THR A 456 -1.92 9.34 19.23
C THR A 456 -0.97 10.15 20.11
N VAL A 457 -1.08 11.48 20.06
CA VAL A 457 -0.17 12.36 20.79
C VAL A 457 -0.46 12.30 22.29
N ILE A 458 -1.74 12.19 22.67
CA ILE A 458 -2.11 12.15 24.07
C ILE A 458 -1.70 10.81 24.71
N VAL A 459 -1.87 9.71 23.98
CA VAL A 459 -1.48 8.40 24.50
C VAL A 459 0.04 8.29 24.62
N THR A 460 0.77 8.81 23.63
CA THR A 460 2.23 8.83 23.73
C THR A 460 2.70 9.74 24.86
N GLY A 461 2.02 10.87 25.06
CA GLY A 461 2.36 11.74 26.16
C GLY A 461 1.96 11.18 27.51
N PHE A 462 0.88 10.40 27.56
CA PHE A 462 0.46 9.79 28.82
C PHE A 462 1.40 8.68 29.24
N ILE A 463 1.93 7.91 28.28
CA ILE A 463 2.88 6.86 28.60
C ILE A 463 4.18 7.46 29.13
N LEU A 464 4.69 8.49 28.45
CA LEU A 464 5.93 9.13 28.85
C LEU A 464 5.82 9.85 30.18
N ALA A 465 4.64 10.36 30.50
CA ALA A 465 4.44 11.08 31.76
C ALA A 465 4.32 10.15 32.95
N THR A 466 3.91 8.90 32.74
CA THR A 466 3.79 7.94 33.83
C THR A 466 5.06 7.10 34.01
N VAL A 467 5.88 6.99 32.97
CA VAL A 467 7.18 6.35 33.11
C VAL A 467 8.16 7.30 33.75
N PHE A 468 8.19 8.53 33.28
CA PHE A 468 9.11 9.56 33.76
C PHE A 468 8.41 10.46 34.77
N TRP A 469 7.56 9.88 35.60
CA TRP A 469 6.75 10.62 36.57
C TRP A 469 7.63 11.21 37.66
N ARG A 470 7.71 12.54 37.69
CA ARG A 470 8.26 13.33 38.80
C ARG A 470 9.70 12.98 39.11
N LEU A 471 10.57 13.24 38.14
CA LEU A 471 11.98 12.86 38.25
C LEU A 471 12.68 13.70 39.32
N ASP A 472 13.55 13.04 40.08
CA ASP A 472 14.27 13.68 41.17
C ASP A 472 15.59 14.26 40.69
N ASN A 473 16.25 15.01 41.57
CA ASN A 473 17.52 15.66 41.24
C ASN A 473 18.70 14.79 41.63
N SER A 474 18.66 13.57 41.19
CA SER A 474 19.67 12.53 41.30
C SER A 474 20.56 12.56 40.07
N PRO A 475 21.75 11.95 40.12
CA PRO A 475 22.50 11.75 38.87
C PRO A 475 21.81 10.81 37.90
N LYS A 476 20.96 9.91 38.38
CA LYS A 476 20.17 9.07 37.48
C LYS A 476 18.92 9.78 37.00
N GLY A 477 18.44 10.78 37.73
CA GLY A 477 17.35 11.61 37.23
C GLY A 477 17.77 12.63 36.22
N VAL A 478 19.06 12.96 36.17
CA VAL A 478 19.57 13.81 35.10
C VAL A 478 19.63 13.03 33.78
N GLN A 479 20.12 11.80 33.82
CA GLN A 479 20.18 10.95 32.63
C GLN A 479 18.80 10.50 32.18
N GLU A 480 17.82 10.45 33.08
CA GLU A 480 16.45 10.18 32.69
C GLU A 480 15.77 11.39 32.09
N ARG A 481 16.24 12.60 32.41
CA ARG A 481 15.72 13.80 31.75
C ARG A 481 16.17 13.87 30.30
N LEU A 482 17.42 13.49 30.04
CA LEU A 482 17.93 13.49 28.68
C LEU A 482 17.26 12.42 27.83
N GLY A 483 16.88 11.31 28.44
CA GLY A 483 16.19 10.26 27.71
C GLY A 483 14.73 10.55 27.48
N PHE A 484 14.09 11.29 28.39
CA PHE A 484 12.72 11.74 28.16
C PHE A 484 12.68 12.73 27.01
N PHE A 485 13.62 13.68 26.97
CA PHE A 485 13.62 14.71 25.96
C PHE A 485 14.00 14.17 24.60
N ALA A 486 14.88 13.18 24.54
CA ALA A 486 15.25 12.59 23.26
C ALA A 486 14.13 11.73 22.70
N PHE A 487 13.39 11.05 23.57
CA PHE A 487 12.25 10.26 23.13
C PHE A 487 11.07 11.15 22.76
N ALA A 488 10.85 12.24 23.49
CA ALA A 488 9.71 13.10 23.24
C ALA A 488 9.86 13.88 21.94
N MET A 489 11.06 14.41 21.67
CA MET A 489 11.30 15.12 20.41
C MET A 489 11.24 14.20 19.22
N SER A 490 11.55 12.92 19.38
CA SER A 490 11.48 11.97 18.28
C SER A 490 10.08 11.49 17.99
N THR A 491 9.15 11.60 18.94
CA THR A 491 7.75 11.26 18.66
C THR A 491 7.04 12.36 17.91
N MET A 492 7.48 13.61 18.03
CA MET A 492 6.87 14.70 17.28
C MET A 492 7.18 14.58 15.80
N PHE A 493 8.41 14.18 15.46
CA PHE A 493 8.77 14.02 14.07
C PHE A 493 8.19 12.76 13.45
N TYR A 494 7.94 11.73 14.26
CA TYR A 494 7.34 10.52 13.73
C TYR A 494 5.84 10.68 13.50
N THR A 495 5.14 11.34 14.41
CA THR A 495 3.70 11.49 14.27
C THR A 495 3.30 12.49 13.20
N CYS A 496 4.26 13.16 12.58
CA CYS A 496 3.99 13.98 11.41
C CYS A 496 3.93 13.15 10.13
N ALA A 497 4.29 11.87 10.19
CA ALA A 497 4.31 11.01 9.02
C ALA A 497 2.98 10.36 8.72
N ASP A 498 1.96 10.54 9.56
CA ASP A 498 0.64 10.03 9.24
C ASP A 498 -0.17 11.00 8.39
N ALA A 499 0.39 12.16 8.09
CA ALA A 499 -0.17 13.07 7.10
C ALA A 499 0.30 12.74 5.69
N LEU A 500 1.15 11.73 5.53
CA LEU A 500 1.65 11.38 4.20
C LEU A 500 0.59 10.83 3.24
N PRO A 501 -0.41 10.03 3.64
CA PRO A 501 -1.47 9.70 2.67
C PRO A 501 -2.33 10.87 2.25
N VAL A 502 -2.64 11.81 3.15
CA VAL A 502 -3.47 12.94 2.76
C VAL A 502 -2.65 14.01 2.05
N PHE A 503 -1.33 14.09 2.29
CA PHE A 503 -0.47 14.97 1.52
C PHE A 503 -0.20 14.45 0.13
N LEU A 504 -0.46 13.17 -0.13
CA LEU A 504 -0.29 12.58 -1.44
C LEU A 504 -1.57 12.51 -2.25
N GLN A 505 -2.74 12.66 -1.60
CA GLN A 505 -3.99 12.77 -2.35
C GLN A 505 -4.03 14.08 -3.12
N GLU A 506 -3.93 15.20 -2.42
CA GLU A 506 -3.51 16.43 -3.07
C GLU A 506 -2.06 16.27 -3.50
N ARG A 507 -1.64 17.07 -4.48
CA ARG A 507 -0.49 16.96 -5.39
C ARG A 507 -0.76 15.90 -6.48
N TYR A 508 -1.78 15.07 -6.34
CA TYR A 508 -2.35 14.39 -7.48
C TYR A 508 -3.57 15.10 -8.03
N ILE A 509 -4.36 15.72 -7.15
CA ILE A 509 -5.41 16.63 -7.57
C ILE A 509 -4.81 17.93 -8.07
N PHE A 510 -3.71 18.37 -7.46
CA PHE A 510 -3.06 19.61 -7.86
C PHE A 510 -2.43 19.50 -9.25
N MET A 511 -1.88 18.34 -9.58
CA MET A 511 -1.29 18.13 -10.89
C MET A 511 -2.33 18.00 -11.98
N ARG A 512 -3.58 17.68 -11.62
CA ARG A 512 -4.67 17.72 -12.59
C ARG A 512 -5.09 19.15 -12.88
N GLU A 513 -5.16 19.99 -11.85
CA GLU A 513 -5.73 21.32 -11.99
C GLU A 513 -4.73 22.35 -12.51
N THR A 514 -3.44 22.09 -12.46
CA THR A 514 -2.46 23.01 -13.02
C THR A 514 -2.24 22.80 -14.51
N ALA A 515 -2.88 21.79 -15.10
CA ALA A 515 -2.92 21.70 -16.55
C ALA A 515 -3.86 22.74 -17.15
N TYR A 516 -4.76 23.29 -16.34
CA TYR A 516 -5.71 24.30 -16.77
C TYR A 516 -5.38 25.69 -16.26
N ASN A 517 -4.26 25.85 -15.53
CA ASN A 517 -3.88 27.09 -14.84
C ASN A 517 -4.97 27.55 -13.89
N ALA A 518 -5.39 26.65 -13.00
CA ALA A 518 -6.46 26.98 -12.07
C ALA A 518 -5.96 27.89 -10.95
N TYR A 519 -4.78 27.59 -10.42
CA TYR A 519 -4.18 28.44 -9.41
C TYR A 519 -2.67 28.36 -9.56
N ARG A 520 -1.98 29.26 -8.88
CA ARG A 520 -0.54 29.31 -8.98
C ARG A 520 0.12 28.23 -8.12
N ARG A 521 1.38 27.97 -8.40
CA ARG A 521 2.17 27.05 -7.60
C ARG A 521 2.55 27.66 -6.28
N SER A 522 2.60 28.99 -6.20
CA SER A 522 2.88 29.69 -4.96
C SER A 522 1.68 29.66 -4.03
N SER A 523 0.47 29.80 -4.58
CA SER A 523 -0.74 29.81 -3.78
C SER A 523 -1.03 28.44 -3.20
N TYR A 524 -0.59 27.39 -3.86
CA TYR A 524 -0.82 26.05 -3.37
C TYR A 524 0.05 25.75 -2.16
N VAL A 525 1.34 26.09 -2.23
CA VAL A 525 2.27 25.82 -1.14
C VAL A 525 1.98 26.70 0.06
N LEU A 526 1.55 27.94 -0.19
CA LEU A 526 1.28 28.86 0.92
C LEU A 526 0.01 28.51 1.65
N SER A 527 -1.05 28.14 0.92
CA SER A 527 -2.30 27.80 1.60
C SER A 527 -2.24 26.43 2.24
N HIS A 528 -1.35 25.56 1.76
CA HIS A 528 -1.16 24.28 2.42
C HIS A 528 -0.40 24.43 3.72
N ALA A 529 0.52 25.39 3.80
CA ALA A 529 1.22 25.65 5.05
C ALA A 529 0.34 26.38 6.05
N ILE A 530 -0.72 27.02 5.60
CA ILE A 530 -1.60 27.81 6.46
C ILE A 530 -2.68 26.95 7.10
N VAL A 531 -3.28 26.02 6.34
CA VAL A 531 -4.40 25.25 6.85
C VAL A 531 -3.97 24.17 7.83
N THR A 532 -2.72 23.72 7.78
CA THR A 532 -2.26 22.68 8.70
C THR A 532 -1.75 23.25 10.00
N PHE A 533 -1.49 24.53 10.08
CA PHE A 533 -0.97 25.17 11.28
C PHE A 533 -1.95 25.24 12.47
N PRO A 534 -3.28 25.41 12.30
CA PRO A 534 -4.13 25.27 13.49
C PRO A 534 -4.16 23.87 14.08
N SER A 535 -3.99 22.82 13.28
CA SER A 535 -3.93 21.48 13.85
C SER A 535 -2.63 21.23 14.58
N LEU A 536 -1.54 21.87 14.17
CA LEU A 536 -0.25 21.72 14.84
C LEU A 536 -0.18 22.45 16.16
N ILE A 537 -1.05 23.45 16.38
CA ILE A 537 -1.09 24.14 17.66
C ILE A 537 -1.84 23.28 18.69
N PHE A 538 -2.90 22.60 18.27
CA PHE A 538 -3.63 21.72 19.18
C PHE A 538 -2.84 20.48 19.53
N LEU A 539 -2.01 19.99 18.60
CA LEU A 539 -1.15 18.85 18.91
C LEU A 539 -0.02 19.25 19.85
N SER A 540 0.45 20.49 19.74
CA SER A 540 1.54 20.95 20.59
C SER A 540 1.06 21.26 21.99
N LEU A 541 -0.16 21.76 22.11
CA LEU A 541 -0.71 22.07 23.42
C LEU A 541 -1.14 20.80 24.14
N ALA A 542 -1.50 19.76 23.41
CA ALA A 542 -1.92 18.52 24.04
C ALA A 542 -0.73 17.76 24.61
N PHE A 543 0.41 17.79 23.91
CA PHE A 543 1.60 17.12 24.42
C PHE A 543 2.23 17.87 25.59
N ALA A 544 2.18 19.20 25.58
CA ALA A 544 2.79 19.96 26.65
C ALA A 544 1.96 19.91 27.93
N VAL A 545 0.64 19.79 27.82
CA VAL A 545 -0.21 19.72 29.01
C VAL A 545 -0.03 18.38 29.71
N THR A 546 0.10 17.29 28.93
CA THR A 546 0.23 15.97 29.52
C THR A 546 1.60 15.72 30.14
N THR A 547 2.66 16.43 29.71
CA THR A 547 4.01 16.06 30.12
C THR A 547 4.76 17.10 30.94
N PHE A 548 4.33 18.36 30.99
CA PHE A 548 5.15 19.35 31.70
C PHE A 548 5.04 19.20 33.22
N TRP A 549 3.82 19.02 33.72
CA TRP A 549 3.62 18.97 35.15
C TRP A 549 3.79 17.57 35.72
N ALA A 550 3.69 16.54 34.89
CA ALA A 550 3.81 15.18 35.38
C ALA A 550 5.26 14.72 35.42
N VAL A 551 6.05 15.08 34.41
CA VAL A 551 7.49 14.79 34.48
C VAL A 551 8.16 15.72 35.48
N GLY A 552 7.62 16.91 35.69
CA GLY A 552 8.13 17.81 36.69
C GLY A 552 9.21 18.72 36.15
N LEU A 553 8.96 19.32 34.99
CA LEU A 553 9.95 20.13 34.33
C LEU A 553 10.03 21.51 34.96
N GLU A 554 11.13 22.21 34.69
CA GLU A 554 11.52 23.42 35.39
C GLU A 554 11.17 24.65 34.59
N GLY A 555 10.73 25.69 35.28
CA GLY A 555 10.52 26.97 34.64
C GLY A 555 9.27 27.70 35.09
N GLY A 556 8.29 26.96 35.58
CA GLY A 556 7.06 27.57 36.03
C GLY A 556 6.08 27.85 34.91
N LEU A 557 5.97 29.10 34.51
CA LEU A 557 5.12 29.51 33.41
C LEU A 557 5.90 29.92 32.17
N MET A 558 7.03 30.61 32.34
CA MET A 558 7.84 30.97 31.19
C MET A 558 8.59 29.77 30.64
N GLY A 559 8.90 28.79 31.49
CA GLY A 559 9.43 27.54 31.01
C GLY A 559 8.42 26.65 30.33
N PHE A 560 7.15 26.77 30.72
CA PHE A 560 6.10 26.03 30.04
C PHE A 560 5.78 26.63 28.69
N LEU A 561 5.88 27.96 28.56
CA LEU A 561 5.56 28.60 27.30
C LEU A 561 6.64 28.37 26.26
N PHE A 562 7.91 28.33 26.67
CA PHE A 562 8.97 27.94 25.75
C PHE A 562 8.85 26.47 25.38
N TYR A 563 8.36 25.65 26.31
CA TYR A 563 8.12 24.24 26.02
C TYR A 563 7.05 24.06 24.96
N CYS A 564 6.00 24.87 24.99
CA CYS A 564 4.98 24.83 23.95
C CYS A 564 5.51 25.34 22.61
N LEU A 565 6.43 26.30 22.63
CA LEU A 565 6.93 26.90 21.40
C LEU A 565 7.86 25.95 20.65
N ILE A 566 8.68 25.19 21.37
CA ILE A 566 9.62 24.30 20.71
C ILE A 566 8.96 22.97 20.34
N ILE A 567 7.86 22.60 20.98
CA ILE A 567 7.07 21.48 20.50
C ILE A 567 6.35 21.87 19.22
N LEU A 568 5.89 23.13 19.14
CA LEU A 568 5.24 23.63 17.94
C LEU A 568 6.21 23.79 16.79
N ALA A 569 7.44 24.22 17.07
CA ALA A 569 8.46 24.33 16.04
C ALA A 569 8.92 22.98 15.54
N SER A 570 8.79 21.93 16.36
CA SER A 570 9.14 20.58 15.94
C SER A 570 8.04 19.93 15.12
N PHE A 571 6.78 20.26 15.43
CA PHE A 571 5.68 19.83 14.57
C PHE A 571 5.70 20.57 13.24
N TRP A 572 6.16 21.82 13.24
CA TRP A 572 6.20 22.60 12.02
C TRP A 572 7.31 22.12 11.09
N SER A 573 8.49 21.83 11.62
CA SER A 573 9.59 21.35 10.79
C SER A 573 9.47 19.88 10.44
N GLY A 574 8.79 19.09 11.27
CA GLY A 574 8.58 17.70 10.94
C GLY A 574 7.49 17.48 9.92
N SER A 575 6.49 18.35 9.88
CA SER A 575 5.47 18.25 8.85
C SER A 575 5.91 18.90 7.56
N SER A 576 6.81 19.89 7.64
CA SER A 576 7.41 20.45 6.43
C SER A 576 8.33 19.45 5.75
N PHE A 577 8.96 18.57 6.54
CA PHE A 577 9.81 17.53 6.00
C PHE A 577 8.99 16.44 5.32
N VAL A 578 7.82 16.12 5.87
CA VAL A 578 6.95 15.12 5.27
C VAL A 578 6.21 15.70 4.06
N THR A 579 5.90 17.00 4.08
CA THR A 579 5.38 17.68 2.90
C THR A 579 6.35 17.64 1.74
N PHE A 580 7.65 17.84 2.02
CA PHE A 580 8.67 17.77 0.98
C PHE A 580 8.81 16.35 0.44
N LEU A 581 8.74 15.35 1.31
CA LEU A 581 8.82 13.96 0.86
C LEU A 581 7.61 13.52 0.07
N SER A 582 6.45 14.14 0.29
CA SER A 582 5.25 13.82 -0.48
C SER A 582 5.24 14.43 -1.86
N GLY A 583 6.33 15.05 -2.30
CA GLY A 583 6.45 15.57 -3.65
C GLY A 583 7.53 14.84 -4.41
N VAL A 584 8.25 13.95 -3.73
CA VAL A 584 9.30 13.15 -4.37
C VAL A 584 9.04 11.66 -4.31
N VAL A 585 8.06 11.17 -3.55
CA VAL A 585 7.80 9.74 -3.52
C VAL A 585 6.51 9.44 -4.27
N PRO A 586 6.39 8.26 -4.89
CA PRO A 586 5.14 7.91 -5.58
C PRO A 586 4.04 7.38 -4.66
N HIS A 587 4.39 6.60 -3.65
CA HIS A 587 3.39 5.96 -2.81
C HIS A 587 3.75 6.12 -1.34
N VAL A 588 2.76 5.81 -0.50
CA VAL A 588 2.84 6.04 0.94
C VAL A 588 3.87 5.14 1.61
N MET A 589 4.01 3.89 1.13
CA MET A 589 4.91 2.94 1.77
C MET A 589 6.37 3.29 1.59
N LEU A 590 6.74 3.87 0.45
CA LEU A 590 8.13 4.29 0.25
C LEU A 590 8.46 5.51 1.09
N GLY A 591 7.55 6.47 1.17
CA GLY A 591 7.80 7.66 1.95
C GLY A 591 7.75 7.42 3.45
N TYR A 592 7.00 6.42 3.87
CA TYR A 592 6.97 6.07 5.28
C TYR A 592 8.22 5.31 5.71
N THR A 593 8.81 4.55 4.80
CA THR A 593 10.07 3.86 5.08
C THR A 593 11.21 4.86 5.20
N ILE A 594 11.19 5.91 4.39
CA ILE A 594 12.25 6.91 4.40
C ILE A 594 12.18 7.76 5.66
N VAL A 595 10.98 8.06 6.13
CA VAL A 595 10.81 8.85 7.36
C VAL A 595 11.35 8.09 8.56
N VAL A 596 10.99 6.81 8.68
CA VAL A 596 11.40 6.00 9.82
C VAL A 596 12.90 5.75 9.81
N ALA A 597 13.52 5.65 8.64
CA ALA A 597 14.96 5.43 8.57
C ALA A 597 15.75 6.68 8.86
N ILE A 598 15.29 7.84 8.37
CA ILE A 598 16.07 9.07 8.54
C ILE A 598 15.85 9.66 9.94
N LEU A 599 14.66 9.49 10.52
CA LEU A 599 14.43 9.91 11.90
C LEU A 599 15.31 9.14 12.88
N ALA A 600 15.57 7.86 12.60
CA ALA A 600 16.44 7.06 13.46
C ALA A 600 17.87 7.56 13.44
N TYR A 601 18.37 8.01 12.30
CA TYR A 601 19.70 8.58 12.22
C TYR A 601 19.74 10.03 12.66
N PHE A 602 18.61 10.72 12.67
CA PHE A 602 18.56 12.04 13.29
C PHE A 602 18.69 11.92 14.80
N LEU A 603 18.24 10.82 15.37
CA LEU A 603 18.33 10.58 16.80
C LEU A 603 19.71 10.06 17.21
N LEU A 604 20.36 9.27 16.35
CA LEU A 604 21.73 8.83 16.61
C LEU A 604 22.71 9.99 16.59
N PHE A 605 22.44 11.02 15.79
CA PHE A 605 23.32 12.17 15.64
C PHE A 605 22.81 13.41 16.36
N SER A 606 21.83 13.26 17.25
CA SER A 606 21.28 14.40 17.97
C SER A 606 22.11 14.83 19.17
N GLY A 607 23.14 14.08 19.54
CA GLY A 607 23.89 14.35 20.74
C GLY A 607 23.46 13.55 21.95
N PHE A 608 22.44 12.71 21.83
CA PHE A 608 21.99 11.90 22.95
C PHE A 608 22.71 10.57 23.05
N PHE A 609 22.89 9.86 21.93
CA PHE A 609 23.59 8.58 21.95
C PHE A 609 25.09 8.77 22.06
N ILE A 610 25.62 9.78 21.38
CA ILE A 610 27.03 10.14 21.47
C ILE A 610 27.11 11.66 21.38
N ASN A 611 27.85 12.28 22.29
CA ASN A 611 27.87 13.73 22.41
C ASN A 611 28.60 14.37 21.23
N ARG A 612 28.36 15.67 21.05
CA ARG A 612 28.88 16.41 19.89
C ARG A 612 30.40 16.46 19.87
N ASP A 613 31.02 16.66 21.02
CA ASP A 613 32.48 16.69 21.09
C ASP A 613 33.11 15.31 21.07
N ARG A 614 32.32 14.24 21.00
CA ARG A 614 32.85 12.89 20.85
C ARG A 614 32.59 12.30 19.47
N ILE A 615 31.70 12.89 18.68
CA ILE A 615 31.43 12.44 17.31
C ILE A 615 32.67 12.66 16.45
N PRO A 616 33.07 11.69 15.62
CA PRO A 616 34.22 11.90 14.73
C PRO A 616 33.99 13.03 13.75
N GLN A 617 35.09 13.65 13.31
CA GLN A 617 34.97 14.85 12.49
C GLN A 617 34.55 14.56 11.06
N TYR A 618 34.64 13.31 10.60
CA TYR A 618 34.09 12.95 9.31
C TYR A 618 32.59 12.68 9.36
N TRP A 619 31.97 12.77 10.53
CA TRP A 619 30.53 12.61 10.67
C TRP A 619 29.86 13.84 11.24
N ILE A 620 30.60 14.90 11.56
CA ILE A 620 30.04 16.06 12.23
C ILE A 620 29.20 16.92 11.30
N TRP A 621 29.31 16.71 9.97
CA TRP A 621 28.45 17.40 9.03
C TRP A 621 27.00 16.97 9.16
N PHE A 622 26.76 15.71 9.52
CA PHE A 622 25.42 15.18 9.66
C PHE A 622 24.85 15.43 11.04
N HIS A 623 25.69 15.74 12.02
CA HIS A 623 25.21 16.19 13.32
C HIS A 623 24.50 17.53 13.20
N TYR A 624 25.08 18.47 12.47
CA TYR A 624 24.50 19.79 12.31
C TYR A 624 23.32 19.81 11.36
N LEU A 625 23.13 18.77 10.57
CA LEU A 625 21.97 18.60 9.70
C LEU A 625 20.85 17.81 10.35
N SER A 626 21.01 17.42 11.61
CA SER A 626 20.02 16.59 12.28
C SER A 626 18.83 17.43 12.70
N LEU A 627 17.63 16.98 12.35
CA LEU A 627 16.43 17.71 12.71
C LEU A 627 16.02 17.50 14.14
N VAL A 628 16.56 16.49 14.82
CA VAL A 628 16.27 16.25 16.22
C VAL A 628 17.19 17.04 17.14
N LYS A 629 18.40 17.40 16.68
CA LYS A 629 19.43 18.02 17.52
C LYS A 629 19.00 19.37 18.07
N TYR A 630 18.43 20.23 17.23
CA TYR A 630 18.08 21.59 17.63
C TYR A 630 16.87 21.70 18.57
N PRO A 631 15.76 20.96 18.41
CA PRO A 631 14.76 21.00 19.48
C PRO A 631 15.18 20.30 20.75
N TYR A 632 16.04 19.29 20.65
CA TYR A 632 16.54 18.59 21.83
C TYR A 632 17.47 19.48 22.62
N GLU A 633 18.34 20.23 21.96
CA GLU A 633 19.23 21.17 22.64
C GLU A 633 18.49 22.39 23.17
N ALA A 634 17.28 22.65 22.68
CA ALA A 634 16.49 23.76 23.21
C ALA A 634 15.73 23.38 24.47
N VAL A 635 15.23 22.14 24.56
CA VAL A 635 14.55 21.74 25.79
C VAL A 635 15.55 21.41 26.89
N LEU A 636 16.79 21.07 26.55
CA LEU A 636 17.80 20.86 27.58
C LEU A 636 18.19 22.18 28.23
N GLN A 637 18.35 23.23 27.41
CA GLN A 637 18.71 24.54 27.94
C GLN A 637 17.53 25.25 28.59
N ASN A 638 16.31 24.88 28.23
CA ASN A 638 15.16 25.36 28.98
C ASN A 638 15.06 24.67 30.34
N GLU A 639 15.55 23.44 30.44
CA GLU A 639 15.41 22.65 31.66
C GLU A 639 16.53 22.96 32.65
N PHE A 640 17.78 22.89 32.21
CA PHE A 640 18.93 23.12 33.07
C PHE A 640 19.39 24.57 33.02
N SER A 641 18.46 25.50 33.25
CA SER A 641 18.74 26.92 33.13
C SER A 641 18.83 27.65 34.47
N ASP A 642 18.20 27.11 35.52
CA ASP A 642 18.20 27.79 36.80
C ASP A 642 19.57 27.70 37.46
N PRO A 643 20.09 28.80 37.99
CA PRO A 643 21.31 28.73 38.81
C PRO A 643 21.06 28.22 40.22
N THR A 644 19.80 28.11 40.63
CA THR A 644 19.44 27.67 41.97
C THR A 644 19.19 26.17 42.06
N GLU A 645 19.03 25.48 40.94
CA GLU A 645 18.86 24.04 40.98
C GLU A 645 20.20 23.37 41.25
N CYS A 646 20.15 22.22 41.91
CA CYS A 646 21.37 21.55 42.35
C CYS A 646 21.19 20.06 42.22
N PHE A 647 22.23 19.38 41.75
CA PHE A 647 22.18 17.94 41.58
C PHE A 647 23.25 17.19 42.37
N VAL A 648 24.28 17.88 42.85
CA VAL A 648 25.29 17.30 43.73
C VAL A 648 25.54 18.30 44.85
N ARG A 649 25.29 17.89 46.10
CA ARG A 649 25.48 18.74 47.27
C ARG A 649 26.39 18.03 48.27
N GLY A 650 27.52 18.65 48.59
CA GLY A 650 28.31 18.28 49.75
C GLY A 650 28.88 16.89 49.78
N VAL A 651 28.26 16.01 50.59
CA VAL A 651 28.69 14.63 50.70
C VAL A 651 28.31 13.76 49.51
N GLN A 652 27.57 14.31 48.54
CA GLN A 652 27.18 13.55 47.35
C GLN A 652 28.28 13.46 46.30
N LEU A 653 29.50 13.87 46.65
CA LEU A 653 30.64 13.72 45.76
C LEU A 653 31.04 12.27 45.58
N PHE A 654 30.71 11.40 46.54
CA PHE A 654 31.21 10.04 46.59
C PHE A 654 30.09 9.01 46.44
N ASP A 655 29.15 9.26 45.54
CA ASP A 655 28.02 8.33 45.38
C ASP A 655 28.37 7.14 44.50
N ASN A 656 28.73 7.38 43.24
CA ASN A 656 28.95 6.30 42.29
C ASN A 656 30.43 5.91 42.16
N SER A 657 31.20 6.05 43.24
CA SER A 657 32.57 5.58 43.33
C SER A 657 32.70 4.57 44.45
N PRO A 658 33.71 3.69 44.41
CA PRO A 658 33.93 2.76 45.53
C PRO A 658 34.27 3.45 46.83
N LEU A 659 34.95 4.59 46.77
CA LEU A 659 35.00 5.49 47.92
C LEU A 659 33.62 6.10 48.10
N GLY A 660 33.02 5.89 49.28
CA GLY A 660 31.74 6.52 49.56
C GLY A 660 30.59 5.56 49.80
N GLU A 661 30.88 4.40 50.36
CA GLU A 661 29.85 3.50 50.87
C GLU A 661 29.74 3.57 52.37
N LEU A 662 29.93 4.76 52.92
CA LEU A 662 30.15 4.96 54.34
C LEU A 662 28.97 5.71 54.95
N THR A 663 29.09 6.06 56.23
CA THR A 663 28.03 6.71 56.96
C THR A 663 28.05 8.21 56.71
N TYR A 664 27.09 8.92 57.30
CA TYR A 664 27.03 10.37 57.15
C TYR A 664 28.16 11.06 57.89
N GLY A 665 28.51 10.56 59.08
CA GLY A 665 29.56 11.21 59.86
C GLY A 665 30.94 10.96 59.28
N MET A 666 31.12 9.81 58.64
CA MET A 666 32.39 9.43 58.07
C MET A 666 32.76 10.29 56.85
N LYS A 667 31.78 10.66 56.03
CA LYS A 667 32.06 11.47 54.86
C LYS A 667 32.19 12.96 55.20
N LEU A 668 31.71 13.37 56.37
CA LEU A 668 31.87 14.77 56.76
C LEU A 668 33.33 15.12 57.05
N ARG A 669 34.10 14.17 57.59
CA ARG A 669 35.54 14.39 57.66
C ARG A 669 36.25 14.02 56.36
N LEU A 670 35.56 13.38 55.41
CA LEU A 670 36.11 13.26 54.06
C LEU A 670 36.04 14.58 53.30
N LEU A 671 35.12 15.46 53.68
CA LEU A 671 34.95 16.72 52.97
C LEU A 671 36.02 17.75 53.34
N ASP A 672 36.21 18.02 54.63
CA ASP A 672 37.16 19.06 55.03
C ASP A 672 38.61 18.62 54.89
N SER A 673 38.87 17.32 54.76
CA SER A 673 40.21 16.83 54.47
C SER A 673 40.65 17.18 53.05
N VAL A 674 39.70 17.44 52.15
CA VAL A 674 40.01 18.01 50.85
C VAL A 674 40.22 19.51 50.94
N SER A 675 39.61 20.17 51.92
CA SER A 675 39.73 21.62 52.06
C SER A 675 41.09 22.04 52.59
N ARG A 676 41.84 21.12 53.22
CA ARG A 676 43.19 21.46 53.66
C ARG A 676 44.13 21.65 52.49
N SER A 677 43.90 20.92 51.40
CA SER A 677 44.80 20.96 50.25
C SER A 677 44.62 22.23 49.44
N ILE A 678 43.42 22.47 48.93
CA ILE A 678 43.20 23.56 47.99
C ILE A 678 43.08 24.89 48.73
N GLY A 679 42.23 24.94 49.76
CA GLY A 679 41.86 26.16 50.42
C GLY A 679 40.39 26.51 50.26
N MET A 680 39.76 26.02 49.20
CA MET A 680 38.31 26.13 49.06
C MET A 680 37.63 25.23 50.08
N ARG A 681 36.66 25.78 50.80
CA ARG A 681 35.95 25.05 51.84
C ARG A 681 34.67 24.47 51.23
N ILE A 682 34.57 23.15 51.24
CA ILE A 682 33.38 22.46 50.75
C ILE A 682 32.57 22.03 51.96
N SER A 683 31.42 22.66 52.14
CA SER A 683 30.58 22.41 53.31
C SER A 683 29.75 21.14 53.10
N SER A 684 28.84 20.87 54.03
CA SER A 684 27.86 19.81 53.81
C SER A 684 26.85 20.18 52.74
N SER A 685 26.66 21.47 52.50
CA SER A 685 25.80 21.97 51.43
C SER A 685 26.59 23.04 50.68
N THR A 686 27.23 22.63 49.57
CA THR A 686 28.08 23.50 48.78
C THR A 686 27.55 23.73 47.38
N CYS A 687 26.69 22.84 46.87
CA CYS A 687 26.08 22.88 45.54
C CYS A 687 27.16 22.87 44.45
N LEU A 688 27.82 21.72 44.37
CA LEU A 688 28.88 21.50 43.37
C LEU A 688 28.33 21.54 41.95
N THR A 689 27.49 20.57 41.60
CA THR A 689 26.99 20.44 40.23
C THR A 689 25.63 21.11 40.11
N THR A 690 25.56 22.14 39.27
CA THR A 690 24.31 22.81 38.95
C THR A 690 23.84 22.36 37.57
N GLY A 691 22.79 23.00 37.07
CA GLY A 691 22.32 22.71 35.72
C GLY A 691 23.24 23.23 34.64
N ALA A 692 24.02 24.26 34.94
CA ALA A 692 24.99 24.78 33.98
C ALA A 692 26.13 23.79 33.75
N ASP A 693 26.43 22.95 34.74
CA ASP A 693 27.46 21.93 34.59
C ASP A 693 26.96 20.68 33.88
N VAL A 694 25.65 20.42 33.94
CA VAL A 694 25.07 19.33 33.16
C VAL A 694 25.19 19.61 31.67
N LEU A 695 24.95 20.86 31.28
CA LEU A 695 25.05 21.23 29.87
C LEU A 695 26.49 21.24 29.38
N LYS A 696 27.45 21.50 30.28
CA LYS A 696 28.85 21.42 29.88
C LYS A 696 29.29 19.97 29.72
N GLN A 697 28.72 19.06 30.49
CA GLN A 697 29.06 17.65 30.37
C GLN A 697 28.51 17.04 29.10
N GLN A 698 27.36 17.50 28.63
CA GLN A 698 26.77 17.03 27.40
C GLN A 698 27.27 17.76 26.17
N GLY A 699 27.98 18.87 26.34
CA GLY A 699 28.44 19.63 25.20
C GLY A 699 27.41 20.55 24.61
N VAL A 700 26.36 20.87 25.34
CA VAL A 700 25.28 21.74 24.83
C VAL A 700 25.69 23.15 25.22
N THR A 701 26.55 23.75 24.40
CA THR A 701 27.12 25.06 24.72
C THR A 701 27.16 26.03 23.55
N GLN A 702 26.98 25.57 22.31
CA GLN A 702 27.26 26.43 21.15
C GLN A 702 26.15 27.43 20.91
N LEU A 703 24.90 27.00 20.93
CA LEU A 703 23.78 27.85 20.58
C LEU A 703 22.87 28.08 21.79
N SER A 704 22.28 29.26 21.83
CA SER A 704 21.27 29.58 22.83
C SER A 704 19.99 28.79 22.57
N LYS A 705 19.08 28.82 23.53
CA LYS A 705 17.83 28.10 23.33
C LYS A 705 16.89 28.83 22.39
N TRP A 706 17.05 30.15 22.23
CA TRP A 706 16.27 30.88 21.25
C TRP A 706 16.85 30.74 19.85
N ASN A 707 18.16 30.59 19.76
CA ASN A 707 18.79 30.29 18.48
C ASN A 707 18.57 28.85 18.05
N CYS A 708 18.35 27.93 18.99
CA CYS A 708 17.96 26.57 18.64
C CYS A 708 16.51 26.51 18.20
N LEU A 709 15.66 27.38 18.72
CA LEU A 709 14.28 27.46 18.27
C LEU A 709 14.20 28.04 16.86
N LEU A 710 15.07 28.98 16.52
CA LEU A 710 15.02 29.61 15.20
C LEU A 710 15.55 28.71 14.10
N ILE A 711 16.51 27.84 14.41
CA ILE A 711 16.98 26.88 13.41
C ILE A 711 15.91 25.82 13.16
N THR A 712 15.09 25.51 14.16
CA THR A 712 14.00 24.58 13.96
C THR A 712 12.89 25.18 13.10
N VAL A 713 12.59 26.46 13.32
CA VAL A 713 11.63 27.17 12.47
C VAL A 713 12.21 27.37 11.06
N GLY A 714 13.50 27.64 10.96
CA GLY A 714 14.13 27.83 9.67
C GLY A 714 14.31 26.57 8.87
N PHE A 715 14.41 25.41 9.52
CA PHE A 715 14.43 24.15 8.78
C PHE A 715 13.08 23.85 8.17
N GLY A 716 11.99 24.26 8.83
CA GLY A 716 10.68 24.07 8.25
C GLY A 716 10.45 24.90 7.01
N PHE A 717 10.96 26.14 7.00
CA PHE A 717 10.81 27.00 5.83
C PHE A 717 11.65 26.52 4.67
N LEU A 718 12.77 25.86 4.94
CA LEU A 718 13.62 25.35 3.87
C LEU A 718 12.96 24.17 3.17
N PHE A 719 12.25 23.33 3.91
CA PHE A 719 11.57 22.19 3.31
C PHE A 719 10.28 22.56 2.61
N ARG A 720 9.71 23.74 2.89
CA ARG A 720 8.61 24.23 2.07
C ARG A 720 9.10 24.88 0.79
N ILE A 721 10.35 25.36 0.77
CA ILE A 721 10.92 25.92 -0.45
C ILE A 721 11.40 24.80 -1.37
N LEU A 722 12.00 23.75 -0.80
CA LEU A 722 12.38 22.59 -1.58
C LEU A 722 11.16 21.83 -2.09
N PHE A 723 10.03 21.93 -1.39
CA PHE A 723 8.80 21.34 -1.89
C PHE A 723 8.25 22.14 -3.07
N TYR A 724 8.43 23.47 -3.04
CA TYR A 724 8.08 24.30 -4.19
C TYR A 724 8.98 23.99 -5.37
N LEU A 725 10.27 23.76 -5.13
CA LEU A 725 11.20 23.52 -6.23
C LEU A 725 11.02 22.13 -6.83
N CYS A 726 10.39 21.20 -6.12
CA CYS A 726 10.07 19.90 -6.68
C CYS A 726 8.73 19.91 -7.41
N LEU A 727 7.91 20.94 -7.23
CA LEU A 727 6.72 21.11 -8.03
C LEU A 727 6.99 21.83 -9.33
N LEU A 728 8.09 22.59 -9.41
CA LEU A 728 8.60 23.04 -10.70
C LEU A 728 9.11 21.88 -11.53
N LEU A 729 9.97 21.05 -10.95
CA LEU A 729 10.55 19.94 -11.69
C LEU A 729 9.54 18.82 -11.90
N GLY A 730 8.55 18.71 -11.02
CA GLY A 730 7.53 17.69 -11.15
C GLY A 730 6.54 17.92 -12.27
N SER A 731 6.53 19.10 -12.87
CA SER A 731 5.67 19.36 -14.02
C SER A 731 6.32 18.88 -15.32
N LYS A 732 7.64 19.05 -15.44
CA LYS A 732 8.35 18.50 -16.60
C LYS A 732 8.59 17.00 -16.47
N ASN A 733 8.68 16.49 -15.25
CA ASN A 733 8.86 15.06 -15.03
C ASN A 733 7.55 14.30 -15.25
N ARG B 67 -16.73 -42.35 -24.72
CA ARG B 67 -17.91 -42.35 -23.85
C ARG B 67 -17.56 -42.05 -22.39
N PRO B 68 -18.15 -40.97 -21.85
CA PRO B 68 -18.04 -40.72 -20.40
C PRO B 68 -19.23 -41.27 -19.63
N VAL B 69 -19.06 -41.42 -18.32
CA VAL B 69 -20.14 -41.89 -17.46
C VAL B 69 -21.10 -40.74 -17.18
N PRO B 70 -22.41 -40.93 -17.36
CA PRO B 70 -23.34 -39.81 -17.17
C PRO B 70 -23.51 -39.42 -15.72
N PHE B 71 -23.56 -38.11 -15.48
CA PHE B 71 -23.79 -37.56 -14.15
C PHE B 71 -24.81 -36.43 -14.26
N VAL B 72 -25.66 -36.31 -13.24
CA VAL B 72 -26.71 -35.31 -13.19
C VAL B 72 -26.66 -34.66 -11.81
N LEU B 73 -26.48 -33.35 -11.78
CA LEU B 73 -26.54 -32.59 -10.55
C LEU B 73 -27.84 -31.80 -10.53
N SER B 74 -28.68 -32.05 -9.54
CA SER B 74 -29.96 -31.36 -9.39
C SER B 74 -30.03 -30.75 -8.00
N PHE B 75 -30.46 -29.48 -7.95
CA PHE B 75 -30.58 -28.78 -6.69
C PHE B 75 -31.91 -28.04 -6.69
N ASN B 76 -32.64 -28.14 -5.58
CA ASN B 76 -34.01 -27.64 -5.51
C ASN B 76 -34.25 -26.93 -4.19
N ASN B 77 -35.00 -25.83 -4.25
CA ASN B 77 -35.58 -25.13 -3.09
C ASN B 77 -34.49 -24.61 -2.13
N LEU B 78 -33.41 -24.08 -2.69
CA LEU B 78 -32.29 -23.60 -1.88
C LEU B 78 -32.67 -22.27 -1.26
N THR B 79 -32.82 -22.26 0.06
CA THR B 79 -33.11 -21.04 0.82
C THR B 79 -32.05 -20.88 1.89
N TYR B 80 -31.39 -19.72 1.88
CA TYR B 80 -30.30 -19.44 2.81
C TYR B 80 -30.64 -18.18 3.58
N ASN B 81 -30.83 -18.31 4.90
CA ASN B 81 -31.13 -17.19 5.77
C ASN B 81 -29.94 -16.93 6.68
N VAL B 82 -29.62 -15.65 6.86
CA VAL B 82 -28.53 -15.28 7.76
C VAL B 82 -29.01 -14.18 8.72
N THR B 104 -32.83 -12.06 10.03
CA THR B 104 -32.59 -12.81 8.81
C THR B 104 -32.58 -11.89 7.60
N LYS B 105 -31.72 -12.22 6.62
CA LYS B 105 -31.55 -11.40 5.44
C LYS B 105 -31.98 -12.10 4.16
N THR B 106 -32.25 -13.43 4.23
CA THR B 106 -32.64 -14.35 3.15
C THR B 106 -31.90 -14.13 1.83
N LEU B 107 -30.57 -14.37 1.85
CA LEU B 107 -29.71 -14.11 0.71
C LEU B 107 -30.01 -15.00 -0.49
N LEU B 108 -30.62 -16.16 -0.29
CA LEU B 108 -31.07 -17.01 -1.39
C LEU B 108 -32.49 -17.47 -1.09
N ASP B 109 -33.33 -17.48 -2.12
CA ASP B 109 -34.76 -17.75 -1.93
C ASP B 109 -35.26 -18.60 -3.10
N ASN B 110 -35.43 -19.90 -2.85
CA ASN B 110 -36.09 -20.86 -3.75
C ASN B 110 -35.36 -20.98 -5.07
N ILE B 111 -34.06 -21.25 -5.00
CA ILE B 111 -33.26 -21.48 -6.19
C ILE B 111 -33.43 -22.93 -6.61
N SER B 112 -33.54 -23.16 -7.91
CA SER B 112 -33.70 -24.50 -8.45
C SER B 112 -32.91 -24.59 -9.75
N GLY B 113 -32.43 -25.80 -10.05
CA GLY B 113 -31.70 -25.98 -11.29
C GLY B 113 -31.32 -27.42 -11.50
N GLU B 114 -30.66 -27.66 -12.62
CA GLU B 114 -30.25 -29.00 -13.02
C GLU B 114 -29.09 -28.85 -13.99
N THR B 115 -28.08 -29.72 -13.86
CA THR B 115 -26.89 -29.65 -14.68
C THR B 115 -26.44 -31.08 -14.98
N ARG B 116 -25.99 -31.32 -16.20
CA ARG B 116 -25.45 -32.62 -16.60
C ARG B 116 -23.96 -32.48 -16.93
N ASP B 117 -23.35 -33.59 -17.29
CA ASP B 117 -21.97 -33.55 -17.78
C ASP B 117 -21.94 -33.15 -19.25
N GLY B 118 -20.81 -32.61 -19.67
CA GLY B 118 -20.68 -32.08 -21.01
C GLY B 118 -21.20 -30.68 -21.18
N GLU B 119 -21.82 -30.10 -20.15
CA GLU B 119 -22.47 -28.82 -20.22
C GLU B 119 -21.88 -27.87 -19.19
N ILE B 120 -22.12 -26.58 -19.39
CA ILE B 120 -21.68 -25.54 -18.47
C ILE B 120 -22.91 -24.78 -18.01
N LEU B 121 -23.12 -24.72 -16.70
CA LEU B 121 -24.17 -23.89 -16.12
C LEU B 121 -23.54 -22.58 -15.67
N ALA B 122 -23.99 -21.47 -16.24
CA ALA B 122 -23.49 -20.15 -15.92
C ALA B 122 -24.51 -19.41 -15.06
N VAL B 123 -24.04 -18.72 -14.04
CA VAL B 123 -24.88 -17.99 -13.09
C VAL B 123 -24.54 -16.52 -13.17
N LEU B 124 -25.56 -15.67 -13.31
CA LEU B 124 -25.36 -14.24 -13.53
C LEU B 124 -26.23 -13.38 -12.62
N GLY B 125 -26.25 -12.08 -12.89
CA GLY B 125 -27.35 -11.23 -12.46
C GLY B 125 -27.09 -9.82 -11.95
N ALA B 126 -26.03 -9.59 -11.15
CA ALA B 126 -25.64 -8.27 -10.64
C ALA B 126 -24.35 -8.37 -9.83
N SER B 127 -23.91 -7.25 -9.28
CA SER B 127 -22.97 -7.25 -8.18
C SER B 127 -23.77 -7.18 -6.88
N GLY B 128 -23.50 -8.11 -5.96
CA GLY B 128 -24.34 -8.28 -4.80
C GLY B 128 -25.56 -9.13 -5.04
N SER B 129 -25.62 -9.82 -6.18
CA SER B 129 -26.80 -10.56 -6.58
C SER B 129 -26.97 -11.86 -5.80
N GLY B 130 -25.87 -12.48 -5.37
CA GLY B 130 -25.91 -13.74 -4.69
C GLY B 130 -25.33 -14.90 -5.46
N LYS B 131 -24.60 -14.65 -6.55
CA LYS B 131 -24.06 -15.75 -7.34
C LYS B 131 -22.80 -16.33 -6.71
N SER B 132 -22.08 -15.55 -5.92
CA SER B 132 -20.99 -16.12 -5.12
C SER B 132 -21.53 -16.98 -3.99
N THR B 133 -22.72 -16.65 -3.49
CA THR B 133 -23.34 -17.41 -2.42
C THR B 133 -24.02 -18.66 -2.95
N LEU B 134 -24.45 -18.65 -4.22
CA LEU B 134 -25.11 -19.82 -4.78
C LEU B 134 -24.13 -20.97 -5.02
N ILE B 135 -22.95 -20.67 -5.58
CA ILE B 135 -21.97 -21.73 -5.75
C ILE B 135 -21.26 -22.07 -4.45
N ASP B 136 -21.31 -21.20 -3.44
CA ASP B 136 -20.85 -21.58 -2.11
C ASP B 136 -21.80 -22.58 -1.47
N ALA B 137 -23.10 -22.44 -1.72
CA ALA B 137 -24.06 -23.37 -1.16
C ALA B 137 -24.06 -24.69 -1.90
N LEU B 138 -23.77 -24.68 -3.20
CA LEU B 138 -23.66 -25.90 -3.97
C LEU B 138 -22.41 -26.70 -3.65
N ALA B 139 -21.38 -26.04 -3.11
CA ALA B 139 -20.12 -26.68 -2.76
C ALA B 139 -20.01 -26.98 -1.28
N ASN B 140 -21.10 -26.80 -0.52
CA ASN B 140 -21.21 -27.07 0.91
C ASN B 140 -20.21 -26.26 1.74
N ARG B 141 -19.80 -25.10 1.23
CA ARG B 141 -18.83 -24.25 1.93
C ARG B 141 -19.53 -23.08 2.61
N ILE B 142 -20.36 -23.43 3.60
CA ILE B 142 -21.21 -22.49 4.31
C ILE B 142 -21.09 -22.75 5.80
N ALA B 143 -21.91 -22.03 6.57
CA ALA B 143 -22.18 -22.39 7.96
C ALA B 143 -23.40 -23.30 7.93
N LYS B 144 -23.16 -24.61 7.91
CA LYS B 144 -24.23 -25.58 7.66
C LYS B 144 -25.17 -25.67 8.85
N GLY B 145 -26.46 -25.72 8.55
CA GLY B 145 -27.51 -25.49 9.53
C GLY B 145 -28.33 -24.26 9.24
N SER B 146 -27.95 -23.45 8.25
CA SER B 146 -28.73 -22.31 7.81
C SER B 146 -29.28 -22.48 6.40
N LEU B 147 -28.80 -23.47 5.66
CA LEU B 147 -29.31 -23.77 4.33
C LEU B 147 -30.38 -24.86 4.43
N LYS B 148 -31.52 -24.60 3.82
CA LYS B 148 -32.58 -25.59 3.69
C LYS B 148 -32.82 -25.84 2.21
N GLY B 149 -32.79 -27.10 1.81
CA GLY B 149 -32.93 -27.48 0.42
C GLY B 149 -32.12 -28.71 0.13
N THR B 150 -32.47 -29.38 -0.96
CA THR B 150 -31.85 -30.65 -1.33
C THR B 150 -30.93 -30.47 -2.54
N VAL B 151 -29.70 -30.98 -2.43
CA VAL B 151 -28.72 -30.95 -3.50
C VAL B 151 -28.31 -32.40 -3.74
N THR B 152 -28.76 -32.97 -4.85
CA THR B 152 -28.51 -34.37 -5.15
C THR B 152 -27.68 -34.49 -6.41
N LEU B 153 -26.71 -35.40 -6.39
CA LEU B 153 -25.94 -35.76 -7.56
C LEU B 153 -26.34 -37.16 -7.99
N ASN B 154 -26.79 -37.28 -9.24
CA ASN B 154 -27.13 -38.54 -9.91
C ASN B 154 -28.28 -39.27 -9.22
N GLY B 155 -29.07 -38.57 -8.42
CA GLY B 155 -30.24 -39.12 -7.78
C GLY B 155 -30.24 -39.15 -6.27
N GLU B 156 -29.11 -39.50 -5.64
CA GLU B 156 -29.17 -39.82 -4.20
C GLU B 156 -29.09 -38.59 -3.30
N ALA B 157 -27.91 -37.99 -3.20
CA ALA B 157 -27.61 -36.94 -2.21
C ALA B 157 -26.16 -36.50 -2.43
N LEU B 158 -25.77 -35.48 -1.66
CA LEU B 158 -24.38 -35.01 -1.59
C LEU B 158 -24.06 -34.62 -0.14
N GLN B 159 -23.43 -35.54 0.58
CA GLN B 159 -22.83 -35.17 1.85
C GLN B 159 -21.43 -34.60 1.59
N SER B 160 -20.85 -34.02 2.65
CA SER B 160 -19.61 -33.28 2.48
C SER B 160 -18.39 -34.17 2.27
N ARG B 161 -18.49 -35.46 2.59
CA ARG B 161 -17.31 -36.31 2.45
C ARG B 161 -17.15 -36.89 1.05
N MET B 162 -18.23 -36.93 0.25
CA MET B 162 -18.07 -37.28 -1.16
C MET B 162 -17.60 -36.08 -1.97
N LEU B 163 -18.05 -34.89 -1.58
CA LEU B 163 -17.73 -33.67 -2.33
C LEU B 163 -16.30 -33.21 -2.14
N LYS B 164 -15.53 -33.80 -1.23
CA LYS B 164 -14.12 -33.48 -1.10
C LYS B 164 -13.24 -34.44 -1.89
N VAL B 165 -13.83 -35.41 -2.57
CA VAL B 165 -13.09 -36.36 -3.39
C VAL B 165 -13.30 -36.09 -4.87
N ILE B 166 -14.51 -35.66 -5.24
CA ILE B 166 -14.92 -35.58 -6.63
C ILE B 166 -15.15 -34.17 -7.10
N SER B 167 -14.91 -33.15 -6.26
CA SER B 167 -15.18 -31.79 -6.66
C SER B 167 -13.98 -30.90 -6.43
N ALA B 168 -14.06 -29.69 -6.98
CA ALA B 168 -13.04 -28.67 -6.81
C ALA B 168 -13.71 -27.32 -6.92
N TYR B 169 -13.19 -26.34 -6.18
CA TYR B 169 -13.70 -24.98 -6.17
C TYR B 169 -12.54 -24.04 -6.46
N VAL B 170 -12.55 -23.45 -7.64
CA VAL B 170 -11.54 -22.48 -8.04
C VAL B 170 -12.00 -21.10 -7.58
N MET B 171 -11.25 -20.50 -6.67
CA MET B 171 -11.63 -19.21 -6.13
C MET B 171 -11.21 -18.08 -7.08
N GLN B 172 -11.71 -16.88 -6.79
CA GLN B 172 -11.57 -15.76 -7.70
C GLN B 172 -10.36 -14.91 -7.35
N ASP B 173 -9.18 -15.35 -7.78
CA ASP B 173 -7.98 -14.59 -8.19
C ASP B 173 -6.88 -15.58 -8.53
N ASP B 174 -5.73 -15.07 -8.96
CA ASP B 174 -4.53 -15.88 -9.11
C ASP B 174 -3.59 -15.56 -7.97
N LEU B 175 -3.21 -16.59 -7.22
CA LEU B 175 -2.24 -16.48 -6.13
C LEU B 175 -1.19 -17.56 -6.37
N LEU B 176 -0.14 -17.21 -7.11
CA LEU B 176 0.89 -18.16 -7.49
C LEU B 176 2.25 -17.63 -7.07
N PHE B 177 3.19 -18.55 -6.88
CA PHE B 177 4.58 -18.16 -6.66
C PHE B 177 5.19 -17.76 -8.01
N PRO B 178 5.80 -16.58 -8.11
CA PRO B 178 6.17 -16.05 -9.43
C PRO B 178 7.41 -16.67 -10.07
N MET B 179 8.34 -17.20 -9.28
CA MET B 179 9.60 -17.70 -9.82
C MET B 179 9.54 -19.15 -10.23
N LEU B 180 8.36 -19.76 -10.23
CA LEU B 180 8.21 -21.16 -10.61
C LEU B 180 7.70 -21.25 -12.04
N THR B 181 8.27 -22.18 -12.80
CA THR B 181 7.73 -22.49 -14.11
C THR B 181 6.39 -23.20 -13.95
N VAL B 182 5.56 -23.13 -15.00
CA VAL B 182 4.21 -23.69 -14.88
C VAL B 182 4.21 -25.21 -14.88
N GLU B 183 5.30 -25.84 -15.31
CA GLU B 183 5.40 -27.29 -15.22
C GLU B 183 5.67 -27.73 -13.79
N GLU B 184 6.54 -27.02 -13.07
CA GLU B 184 6.82 -27.38 -11.68
C GLU B 184 5.83 -26.75 -10.70
N THR B 185 5.05 -25.75 -11.13
CA THR B 185 3.91 -25.31 -10.34
C THR B 185 2.83 -26.38 -10.30
N LEU B 186 2.55 -27.01 -11.44
CA LEU B 186 1.60 -28.12 -11.46
C LEU B 186 2.19 -29.39 -10.91
N MET B 187 3.52 -29.52 -10.92
CA MET B 187 4.14 -30.70 -10.33
C MET B 187 4.18 -30.62 -8.81
N PHE B 188 4.27 -29.43 -8.24
CA PHE B 188 4.20 -29.31 -6.78
C PHE B 188 2.78 -29.57 -6.29
N ALA B 189 1.78 -29.19 -7.09
CA ALA B 189 0.39 -29.49 -6.74
C ALA B 189 0.10 -30.98 -6.82
N ALA B 190 0.78 -31.70 -7.71
CA ALA B 190 0.57 -33.13 -7.81
C ALA B 190 1.18 -33.88 -6.62
N GLU B 191 2.30 -33.39 -6.09
CA GLU B 191 2.92 -34.03 -4.94
C GLU B 191 2.15 -33.80 -3.64
N PHE B 192 1.33 -32.77 -3.57
CA PHE B 192 0.57 -32.51 -2.35
C PHE B 192 -0.76 -33.24 -2.32
N ARG B 193 -1.35 -33.50 -3.48
CA ARG B 193 -2.74 -33.95 -3.56
C ARG B 193 -2.91 -35.36 -4.10
N LEU B 194 -2.12 -35.76 -5.09
CA LEU B 194 -2.19 -37.12 -5.58
C LEU B 194 -1.58 -38.07 -4.56
N PRO B 195 -2.05 -39.31 -4.47
CA PRO B 195 -1.60 -40.21 -3.40
C PRO B 195 -0.16 -40.65 -3.57
N ARG B 196 0.46 -41.01 -2.44
CA ARG B 196 1.83 -41.48 -2.43
C ARG B 196 1.97 -42.89 -2.97
N SER B 197 0.85 -43.62 -3.10
CA SER B 197 0.86 -44.91 -3.77
C SER B 197 1.19 -44.77 -5.25
N LEU B 198 0.81 -43.65 -5.85
CA LEU B 198 1.11 -43.41 -7.26
C LEU B 198 2.59 -43.16 -7.43
N PRO B 199 3.23 -43.73 -8.45
CA PRO B 199 4.64 -43.44 -8.69
C PRO B 199 4.82 -42.03 -9.22
N LYS B 200 6.04 -41.51 -9.10
CA LYS B 200 6.32 -40.16 -9.54
C LYS B 200 6.37 -40.07 -11.06
N SER B 201 6.58 -41.19 -11.75
CA SER B 201 6.51 -41.18 -13.20
C SER B 201 5.08 -41.00 -13.70
N LYS B 202 4.11 -41.59 -12.99
CA LYS B 202 2.71 -41.40 -13.35
C LYS B 202 2.17 -40.05 -12.89
N LYS B 203 2.76 -39.45 -11.86
CA LYS B 203 2.39 -38.09 -11.48
C LYS B 203 2.82 -37.10 -12.54
N LYS B 204 3.98 -37.32 -13.15
CA LYS B 204 4.47 -36.44 -14.20
C LYS B 204 3.69 -36.64 -15.48
N LEU B 205 3.15 -37.83 -15.69
CA LEU B 205 2.28 -38.07 -16.85
C LEU B 205 0.94 -37.37 -16.69
N ARG B 206 0.44 -37.25 -15.46
CA ARG B 206 -0.78 -36.50 -15.22
C ARG B 206 -0.58 -35.00 -15.45
N VAL B 207 0.61 -34.49 -15.12
CA VAL B 207 0.91 -33.08 -15.35
C VAL B 207 1.03 -32.80 -16.84
N GLN B 208 1.64 -33.73 -17.59
CA GLN B 208 1.81 -33.54 -19.03
C GLN B 208 0.48 -33.62 -19.77
N ALA B 209 -0.41 -34.50 -19.31
CA ALA B 209 -1.73 -34.59 -19.93
C ALA B 209 -2.61 -33.39 -19.58
N LEU B 210 -2.34 -32.75 -18.46
CA LEU B 210 -3.08 -31.56 -18.06
C LEU B 210 -2.55 -30.31 -18.74
N ILE B 211 -1.26 -30.28 -19.07
CA ILE B 211 -0.66 -29.17 -19.80
C ILE B 211 -1.23 -29.10 -21.21
N ASP B 212 -1.47 -30.27 -21.82
CA ASP B 212 -2.08 -30.31 -23.14
C ASP B 212 -3.57 -30.00 -23.12
N GLN B 213 -4.28 -30.39 -22.06
CA GLN B 213 -5.72 -30.12 -21.99
C GLN B 213 -5.98 -28.64 -21.74
N LEU B 214 -5.16 -28.02 -20.90
CA LEU B 214 -5.16 -26.57 -20.79
C LEU B 214 -4.49 -25.97 -22.02
N GLY B 215 -4.62 -24.66 -22.19
CA GLY B 215 -4.07 -24.06 -23.38
C GLY B 215 -2.68 -23.49 -23.20
N ILE B 216 -1.83 -24.18 -22.44
CA ILE B 216 -0.57 -23.60 -21.98
C ILE B 216 0.61 -24.49 -22.33
N ARG B 217 0.54 -25.19 -23.46
CA ARG B 217 1.69 -25.93 -23.95
C ARG B 217 2.77 -24.98 -24.48
N ASN B 218 2.37 -23.83 -25.01
CA ASN B 218 3.32 -22.89 -25.60
C ASN B 218 4.22 -22.24 -24.56
N ALA B 219 3.76 -22.15 -23.32
CA ALA B 219 4.56 -21.61 -22.22
C ALA B 219 4.51 -22.64 -21.09
N ALA B 220 5.34 -23.67 -21.21
CA ALA B 220 5.41 -24.72 -20.20
C ALA B 220 6.63 -24.60 -19.30
N LYS B 221 7.66 -23.89 -19.74
CA LYS B 221 8.84 -23.64 -18.92
C LYS B 221 9.06 -22.16 -18.66
N THR B 222 8.16 -21.30 -19.11
CA THR B 222 8.20 -19.91 -18.69
C THR B 222 7.78 -19.81 -17.23
N ILE B 223 8.42 -18.91 -16.48
CA ILE B 223 8.02 -18.67 -15.10
C ILE B 223 6.69 -17.95 -15.10
N ILE B 224 6.02 -17.91 -13.96
CA ILE B 224 4.69 -17.33 -13.90
C ILE B 224 4.77 -15.81 -13.88
N GLY B 225 5.70 -15.25 -13.11
CA GLY B 225 5.93 -13.83 -13.10
C GLY B 225 4.99 -13.09 -12.18
N ASP B 226 5.21 -11.79 -12.10
CA ASP B 226 4.47 -10.90 -11.22
C ASP B 226 4.41 -9.55 -11.90
N GLU B 227 4.24 -8.48 -11.10
CA GLU B 227 4.26 -7.09 -11.57
C GLU B 227 5.43 -6.80 -12.51
N GLY B 228 6.67 -6.91 -12.05
CA GLY B 228 7.72 -7.07 -13.02
C GLY B 228 8.68 -8.23 -12.83
N HIS B 229 8.47 -9.33 -13.56
CA HIS B 229 9.52 -10.27 -13.93
C HIS B 229 9.34 -10.88 -15.31
N ARG B 230 8.31 -10.49 -16.07
CA ARG B 230 8.07 -10.92 -17.45
C ARG B 230 7.95 -12.44 -17.57
N GLY B 231 6.86 -12.95 -17.01
CA GLY B 231 6.53 -14.35 -17.15
C GLY B 231 5.50 -14.64 -18.23
N ILE B 232 4.37 -15.22 -17.83
CA ILE B 232 3.30 -15.54 -18.76
C ILE B 232 2.23 -14.47 -18.69
N SER B 233 1.32 -14.47 -19.65
CA SER B 233 0.28 -13.46 -19.74
C SER B 233 -0.83 -13.73 -18.72
N GLY B 234 -1.77 -12.80 -18.62
CA GLY B 234 -2.84 -12.91 -17.64
C GLY B 234 -3.84 -14.01 -17.93
N GLY B 235 -3.99 -14.40 -19.19
CA GLY B 235 -4.94 -15.43 -19.56
C GLY B 235 -4.38 -16.82 -19.40
N GLU B 236 -3.06 -16.95 -19.44
CA GLU B 236 -2.40 -18.22 -19.16
C GLU B 236 -2.08 -18.40 -17.68
N ARG B 237 -2.03 -17.31 -16.91
CA ARG B 237 -1.99 -17.45 -15.45
C ARG B 237 -3.29 -18.00 -14.91
N ARG B 238 -4.41 -17.68 -15.56
CA ARG B 238 -5.71 -18.15 -15.12
C ARG B 238 -5.88 -19.64 -15.38
N ARG B 239 -5.32 -20.15 -16.47
CA ARG B 239 -5.40 -21.58 -16.73
C ARG B 239 -4.43 -22.38 -15.89
N VAL B 240 -3.38 -21.75 -15.35
CA VAL B 240 -2.51 -22.43 -14.39
C VAL B 240 -3.23 -22.56 -13.04
N SER B 241 -3.86 -21.48 -12.57
CA SER B 241 -4.58 -21.55 -11.29
C SER B 241 -5.82 -22.40 -11.38
N ILE B 242 -6.43 -22.52 -12.56
CA ILE B 242 -7.50 -23.50 -12.75
C ILE B 242 -6.91 -24.91 -12.74
N GLY B 243 -5.81 -25.13 -13.45
CA GLY B 243 -5.21 -26.43 -13.54
C GLY B 243 -4.59 -26.94 -12.26
N ILE B 244 -4.23 -26.05 -11.34
CA ILE B 244 -3.80 -26.48 -10.00
C ILE B 244 -4.95 -27.13 -9.26
N ASP B 245 -6.14 -26.51 -9.33
CA ASP B 245 -7.30 -27.02 -8.62
C ASP B 245 -7.86 -28.28 -9.24
N ILE B 246 -7.77 -28.44 -10.56
CA ILE B 246 -8.07 -29.74 -11.15
C ILE B 246 -6.78 -30.56 -11.38
N ILE B 247 -6.22 -31.09 -10.31
CA ILE B 247 -5.07 -31.97 -10.44
C ILE B 247 -5.46 -33.42 -10.18
N HIS B 248 -6.52 -33.66 -9.43
CA HIS B 248 -7.12 -34.96 -9.21
C HIS B 248 -8.20 -35.28 -10.24
N ASP B 249 -8.42 -34.39 -11.22
CA ASP B 249 -9.44 -34.45 -12.26
C ASP B 249 -10.82 -34.71 -11.69
N PRO B 250 -11.46 -33.70 -11.07
CA PRO B 250 -12.76 -33.91 -10.45
C PRO B 250 -13.90 -34.14 -11.44
N ILE B 251 -15.08 -34.47 -10.93
CA ILE B 251 -16.25 -34.67 -11.76
C ILE B 251 -17.10 -33.40 -11.74
N VAL B 252 -17.10 -32.71 -10.61
CA VAL B 252 -17.81 -31.45 -10.46
C VAL B 252 -16.78 -30.34 -10.29
N LEU B 253 -16.96 -29.23 -10.98
CA LEU B 253 -16.00 -28.14 -10.94
C LEU B 253 -16.75 -26.83 -10.71
N PHE B 254 -16.60 -26.27 -9.51
CA PHE B 254 -17.15 -24.96 -9.20
C PHE B 254 -16.11 -23.89 -9.47
N LEU B 255 -16.55 -22.77 -10.04
CA LEU B 255 -15.66 -21.72 -10.49
C LEU B 255 -16.28 -20.37 -10.15
N ASP B 256 -15.63 -19.61 -9.29
CA ASP B 256 -16.12 -18.28 -8.96
C ASP B 256 -15.45 -17.28 -9.89
N GLU B 257 -16.18 -16.89 -10.94
CA GLU B 257 -15.80 -15.93 -11.97
C GLU B 257 -14.44 -16.22 -12.61
N PRO B 258 -14.33 -17.26 -13.42
CA PRO B 258 -13.01 -17.63 -13.96
C PRO B 258 -12.51 -16.72 -15.07
N THR B 259 -13.33 -15.80 -15.59
CA THR B 259 -12.89 -14.89 -16.64
C THR B 259 -12.81 -13.46 -16.13
N SER B 260 -12.68 -13.28 -14.82
CA SER B 260 -12.68 -11.96 -14.22
C SER B 260 -11.34 -11.27 -14.46
N GLY B 261 -11.41 -10.06 -15.02
CA GLY B 261 -10.21 -9.29 -15.26
C GLY B 261 -9.45 -9.63 -16.52
N LEU B 262 -10.07 -10.33 -17.46
CA LEU B 262 -9.42 -10.73 -18.70
C LEU B 262 -10.04 -9.99 -19.88
N ASP B 263 -9.24 -9.76 -20.91
CA ASP B 263 -9.77 -9.29 -22.18
C ASP B 263 -10.50 -10.43 -22.88
N SER B 264 -11.40 -10.06 -23.80
CA SER B 264 -12.35 -11.02 -24.34
C SER B 264 -11.73 -12.06 -25.26
N THR B 265 -10.51 -11.85 -25.74
CA THR B 265 -9.86 -12.90 -26.53
C THR B 265 -9.13 -13.92 -25.66
N SER B 266 -8.86 -13.58 -24.40
CA SER B 266 -8.33 -14.53 -23.44
C SER B 266 -9.40 -15.05 -22.49
N ALA B 267 -10.50 -14.30 -22.32
CA ALA B 267 -11.67 -14.81 -21.63
C ALA B 267 -12.46 -15.80 -22.47
N PHE B 268 -12.19 -15.87 -23.77
CA PHE B 268 -12.80 -16.89 -24.61
C PHE B 268 -12.03 -18.20 -24.55
N MET B 269 -10.71 -18.13 -24.42
CA MET B 269 -9.89 -19.33 -24.34
C MET B 269 -10.02 -20.02 -22.99
N VAL B 270 -10.39 -19.29 -21.94
CA VAL B 270 -10.66 -19.90 -20.65
C VAL B 270 -11.92 -20.76 -20.73
N VAL B 271 -13.00 -20.22 -21.29
CA VAL B 271 -14.26 -20.96 -21.40
C VAL B 271 -14.15 -22.06 -22.46
N LYS B 272 -13.27 -21.91 -23.44
CA LYS B 272 -13.08 -22.99 -24.41
C LYS B 272 -12.30 -24.14 -23.78
N VAL B 273 -11.48 -23.85 -22.78
CA VAL B 273 -10.82 -24.90 -22.00
C VAL B 273 -11.81 -25.54 -21.03
N LEU B 274 -12.69 -24.74 -20.42
CA LEU B 274 -13.70 -25.29 -19.52
C LEU B 274 -14.74 -26.12 -20.27
N LYS B 275 -14.98 -25.81 -21.55
CA LYS B 275 -15.83 -26.67 -22.37
C LYS B 275 -15.10 -27.96 -22.72
N ARG B 276 -13.78 -27.92 -22.81
CA ARG B 276 -13.01 -29.12 -23.11
C ARG B 276 -12.95 -30.05 -21.90
N ILE B 277 -12.90 -29.49 -20.68
CA ILE B 277 -12.94 -30.29 -19.47
C ILE B 277 -14.31 -30.93 -19.29
N ALA B 278 -15.37 -30.20 -19.68
CA ALA B 278 -16.73 -30.71 -19.57
C ALA B 278 -16.97 -31.89 -20.50
N GLU B 279 -16.38 -31.85 -21.70
CA GLU B 279 -16.53 -32.95 -22.65
C GLU B 279 -15.81 -34.21 -22.22
N SER B 280 -14.88 -34.12 -21.27
CA SER B 280 -14.23 -35.30 -20.72
C SER B 280 -15.08 -36.02 -19.69
N GLY B 281 -16.21 -35.45 -19.29
CA GLY B 281 -17.11 -36.10 -18.36
C GLY B 281 -17.30 -35.33 -17.07
N SER B 282 -17.18 -34.02 -17.13
CA SER B 282 -17.25 -33.19 -15.94
C SER B 282 -18.47 -32.29 -15.96
N ILE B 283 -18.83 -31.80 -14.78
CA ILE B 283 -19.92 -30.85 -14.58
C ILE B 283 -19.31 -29.52 -14.19
N ILE B 284 -19.59 -28.48 -14.97
CA ILE B 284 -19.04 -27.15 -14.75
C ILE B 284 -20.16 -26.25 -14.27
N ILE B 285 -19.92 -25.54 -13.16
CA ILE B 285 -20.84 -24.53 -12.64
C ILE B 285 -20.01 -23.29 -12.34
N MET B 286 -20.25 -22.21 -13.09
CA MET B 286 -19.41 -21.03 -13.01
C MET B 286 -20.25 -19.76 -12.90
N SER B 287 -19.69 -18.77 -12.22
CA SER B 287 -20.21 -17.41 -12.24
C SER B 287 -19.53 -16.65 -13.38
N ILE B 288 -20.23 -15.65 -13.90
CA ILE B 288 -19.67 -14.86 -15.00
C ILE B 288 -20.25 -13.45 -14.99
N HIS B 289 -19.37 -12.46 -15.15
CA HIS B 289 -19.77 -11.07 -15.39
C HIS B 289 -19.59 -10.75 -16.86
N GLN B 290 -20.68 -10.30 -17.50
CA GLN B 290 -20.76 -9.83 -18.88
C GLN B 290 -20.19 -10.80 -19.91
N PRO B 291 -20.87 -11.91 -20.20
CA PRO B 291 -20.40 -12.78 -21.29
C PRO B 291 -20.56 -12.12 -22.64
N SER B 292 -19.64 -12.46 -23.54
CA SER B 292 -19.66 -11.89 -24.88
C SER B 292 -20.52 -12.75 -25.79
N HIS B 293 -20.51 -12.44 -27.09
CA HIS B 293 -21.23 -13.29 -28.06
C HIS B 293 -20.50 -14.58 -28.34
N ARG B 294 -19.20 -14.64 -28.07
CA ARG B 294 -18.43 -15.85 -28.37
C ARG B 294 -18.48 -16.86 -27.24
N VAL B 295 -18.40 -16.42 -25.99
CA VAL B 295 -18.46 -17.36 -24.88
C VAL B 295 -19.89 -17.78 -24.57
N LEU B 296 -20.89 -17.05 -25.06
CA LEU B 296 -22.28 -17.43 -24.85
C LEU B 296 -22.69 -18.63 -25.69
N SER B 297 -21.98 -18.91 -26.78
CA SER B 297 -22.24 -20.12 -27.56
C SER B 297 -21.76 -21.38 -26.85
N LEU B 298 -20.85 -21.23 -25.89
CA LEU B 298 -20.31 -22.37 -25.17
C LEU B 298 -21.10 -22.70 -23.91
N LEU B 299 -21.79 -21.71 -23.34
CA LEU B 299 -22.63 -21.97 -22.17
C LEU B 299 -23.94 -22.62 -22.60
N ASP B 300 -24.33 -23.68 -21.91
CA ASP B 300 -25.51 -24.44 -22.29
C ASP B 300 -26.74 -24.14 -21.44
N ARG B 301 -26.54 -23.59 -20.24
CA ARG B 301 -27.65 -23.23 -19.37
C ARG B 301 -27.33 -21.92 -18.67
N LEU B 302 -28.36 -21.14 -18.39
CA LEU B 302 -28.20 -19.84 -17.75
C LEU B 302 -29.14 -19.75 -16.56
N ILE B 303 -28.68 -19.09 -15.51
CA ILE B 303 -29.51 -18.75 -14.35
C ILE B 303 -29.22 -17.29 -14.00
N PHE B 304 -30.24 -16.45 -14.10
CA PHE B 304 -30.14 -15.04 -13.73
C PHE B 304 -30.74 -14.85 -12.36
N LEU B 305 -30.02 -14.14 -11.49
CA LEU B 305 -30.47 -13.91 -10.13
C LEU B 305 -30.69 -12.42 -9.91
N SER B 306 -31.65 -12.10 -9.05
CA SER B 306 -31.95 -10.73 -8.68
C SER B 306 -32.22 -10.72 -7.17
N ARG B 307 -31.21 -10.25 -6.41
CA ARG B 307 -31.08 -10.37 -4.95
C ARG B 307 -31.60 -11.71 -4.42
N GLY B 308 -31.04 -12.79 -4.96
CA GLY B 308 -31.31 -14.11 -4.46
C GLY B 308 -32.61 -14.73 -4.90
N HIS B 309 -33.21 -14.23 -5.97
CA HIS B 309 -34.39 -14.84 -6.57
C HIS B 309 -34.07 -15.15 -8.02
N THR B 310 -34.42 -16.36 -8.45
CA THR B 310 -34.20 -16.72 -9.85
C THR B 310 -35.23 -16.05 -10.74
N VAL B 311 -34.75 -15.34 -11.77
CA VAL B 311 -35.62 -14.63 -12.70
C VAL B 311 -35.52 -15.17 -14.11
N PHE B 312 -34.55 -16.01 -14.42
CA PHE B 312 -34.51 -16.73 -15.68
C PHE B 312 -33.77 -18.05 -15.45
N SER B 313 -34.20 -19.08 -16.17
CA SER B 313 -33.56 -20.39 -16.08
C SER B 313 -33.78 -21.11 -17.40
N GLY B 314 -32.74 -21.23 -18.20
CA GLY B 314 -32.87 -21.96 -19.45
C GLY B 314 -31.66 -21.74 -20.35
N SER B 315 -31.81 -22.27 -21.56
CA SER B 315 -30.76 -22.18 -22.57
C SER B 315 -30.62 -20.75 -23.08
N PRO B 316 -29.45 -20.39 -23.63
CA PRO B 316 -29.34 -19.10 -24.34
C PRO B 316 -30.28 -18.97 -25.53
N ALA B 317 -30.65 -20.06 -26.18
CA ALA B 317 -31.65 -20.01 -27.26
C ALA B 317 -33.06 -20.22 -26.73
N SER B 318 -33.38 -19.54 -25.64
CA SER B 318 -34.75 -19.37 -25.19
C SER B 318 -34.97 -17.97 -24.64
N LEU B 319 -33.97 -17.10 -24.70
CA LEU B 319 -33.99 -15.75 -24.16
C LEU B 319 -34.79 -14.75 -25.01
N PRO B 320 -34.76 -14.79 -26.36
CA PRO B 320 -35.77 -13.98 -27.08
C PRO B 320 -37.19 -14.46 -26.85
N SER B 321 -37.41 -15.76 -26.71
CA SER B 321 -38.75 -16.28 -26.47
C SER B 321 -39.23 -15.99 -25.06
N PHE B 322 -38.32 -15.82 -24.10
CA PHE B 322 -38.72 -15.57 -22.72
C PHE B 322 -39.23 -14.15 -22.54
N PHE B 323 -38.46 -13.17 -23.00
CA PHE B 323 -38.82 -11.77 -22.76
C PHE B 323 -39.83 -11.24 -23.76
N ALA B 324 -40.13 -11.98 -24.82
CA ALA B 324 -41.25 -11.62 -25.67
C ALA B 324 -42.57 -11.83 -24.95
N GLY B 325 -42.65 -12.86 -24.10
CA GLY B 325 -43.82 -13.08 -23.27
C GLY B 325 -43.92 -12.19 -22.06
N PHE B 326 -42.85 -11.47 -21.72
CA PHE B 326 -42.89 -10.54 -20.60
C PHE B 326 -43.35 -9.15 -21.01
N GLY B 327 -43.30 -8.83 -22.30
CA GLY B 327 -43.78 -7.55 -22.79
C GLY B 327 -42.74 -6.72 -23.52
N ASN B 328 -41.49 -7.13 -23.57
CA ASN B 328 -40.43 -6.34 -24.21
C ASN B 328 -39.39 -7.26 -24.83
N PRO B 329 -39.46 -7.48 -26.13
CA PRO B 329 -38.50 -8.38 -26.78
C PRO B 329 -37.12 -7.75 -26.91
N ILE B 330 -36.20 -8.55 -27.43
CA ILE B 330 -34.79 -8.15 -27.56
C ILE B 330 -34.58 -7.69 -29.00
N PRO B 331 -33.99 -6.51 -29.23
CA PRO B 331 -33.79 -6.03 -30.60
C PRO B 331 -32.69 -6.80 -31.31
N GLU B 332 -32.68 -6.65 -32.64
CA GLU B 332 -31.63 -7.19 -33.47
C GLU B 332 -30.36 -6.36 -33.28
N ASN B 333 -29.21 -7.03 -33.45
CA ASN B 333 -27.86 -6.45 -33.25
C ASN B 333 -27.68 -5.92 -31.83
N GLU B 334 -28.27 -6.62 -30.87
CA GLU B 334 -28.09 -6.34 -29.45
C GLU B 334 -27.62 -7.63 -28.78
N ASN B 335 -26.70 -7.47 -27.83
CA ASN B 335 -26.14 -8.63 -27.13
C ASN B 335 -27.18 -9.19 -26.18
N GLN B 336 -27.54 -10.46 -26.37
CA GLN B 336 -28.35 -11.15 -25.37
C GLN B 336 -27.48 -11.46 -24.16
N THR B 337 -28.15 -11.64 -23.01
CA THR B 337 -27.59 -11.64 -21.64
C THR B 337 -26.89 -10.32 -21.30
N GLU B 338 -27.15 -9.27 -22.06
CA GLU B 338 -26.70 -7.91 -21.78
C GLU B 338 -27.89 -6.96 -21.69
N PHE B 339 -28.79 -7.01 -22.69
CA PHE B 339 -30.08 -6.34 -22.57
C PHE B 339 -30.93 -6.97 -21.49
N ALA B 340 -30.83 -8.29 -21.32
CA ALA B 340 -31.53 -8.95 -20.23
C ALA B 340 -30.94 -8.57 -18.88
N LEU B 341 -29.61 -8.41 -18.83
CA LEU B 341 -28.96 -7.97 -17.59
C LEU B 341 -29.28 -6.52 -17.26
N ASP B 342 -29.49 -5.69 -18.28
CA ASP B 342 -29.82 -4.29 -18.05
C ASP B 342 -31.29 -4.13 -17.65
N LEU B 343 -32.18 -4.97 -18.21
CA LEU B 343 -33.59 -4.89 -17.89
C LEU B 343 -33.88 -5.28 -16.44
N ILE B 344 -33.12 -6.24 -15.90
CA ILE B 344 -33.28 -6.62 -14.50
C ILE B 344 -32.80 -5.49 -13.60
N ARG B 345 -31.74 -4.80 -14.00
CA ARG B 345 -31.30 -3.63 -13.25
C ARG B 345 -32.23 -2.45 -13.44
N GLU B 346 -32.91 -2.38 -14.59
CA GLU B 346 -33.91 -1.32 -14.80
C GLU B 346 -35.17 -1.59 -14.00
N LEU B 347 -35.50 -2.86 -13.74
CA LEU B 347 -36.72 -3.24 -13.06
C LEU B 347 -36.52 -3.31 -11.54
N GLU B 348 -35.41 -2.75 -11.04
CA GLU B 348 -35.17 -2.61 -9.62
C GLU B 348 -35.62 -1.26 -9.07
N GLY B 349 -36.68 -0.68 -9.64
CA GLY B 349 -37.15 0.62 -9.22
C GLY B 349 -37.95 0.60 -7.95
N SER B 350 -39.02 1.40 -7.91
CA SER B 350 -39.81 1.58 -6.70
C SER B 350 -41.29 1.28 -6.86
N ALA B 351 -41.80 1.21 -8.09
CA ALA B 351 -43.23 0.97 -8.28
C ALA B 351 -43.53 -0.52 -8.45
N GLY B 352 -42.97 -1.13 -9.49
CA GLY B 352 -43.23 -2.54 -9.76
C GLY B 352 -42.30 -3.50 -9.06
N GLY B 353 -40.99 -3.36 -9.32
CA GLY B 353 -40.02 -4.30 -8.82
C GLY B 353 -39.94 -5.55 -9.67
N THR B 354 -38.96 -6.40 -9.36
CA THR B 354 -38.76 -7.63 -10.11
C THR B 354 -39.64 -8.77 -9.63
N ARG B 355 -40.54 -8.53 -8.69
CA ARG B 355 -41.42 -9.59 -8.17
C ARG B 355 -42.37 -10.11 -9.25
N GLY B 356 -42.75 -9.26 -10.21
CA GLY B 356 -43.50 -9.73 -11.35
C GLY B 356 -42.69 -10.63 -12.26
N LEU B 357 -41.36 -10.47 -12.27
CA LEU B 357 -40.48 -11.29 -13.09
C LEU B 357 -40.10 -12.60 -12.41
N VAL B 358 -39.98 -12.60 -11.07
CA VAL B 358 -39.80 -13.85 -10.32
C VAL B 358 -41.03 -14.74 -10.46
N GLU B 359 -42.22 -14.12 -10.47
CA GLU B 359 -43.44 -14.91 -10.61
C GLU B 359 -43.66 -15.35 -12.06
N PHE B 360 -43.22 -14.54 -13.02
CA PHE B 360 -43.33 -14.93 -14.42
C PHE B 360 -42.39 -16.08 -14.75
N ASN B 361 -41.22 -16.14 -14.10
CA ASN B 361 -40.26 -17.19 -14.38
C ASN B 361 -40.72 -18.54 -13.82
N LYS B 362 -41.28 -18.54 -12.61
CA LYS B 362 -41.65 -19.79 -11.95
C LYS B 362 -42.88 -20.44 -12.54
N LYS B 363 -43.60 -19.77 -13.45
CA LYS B 363 -44.60 -20.44 -14.26
C LYS B 363 -44.17 -20.61 -15.71
N TRP B 364 -43.13 -19.90 -16.16
CA TRP B 364 -42.53 -20.18 -17.45
C TRP B 364 -41.86 -21.55 -17.46
N GLN B 365 -41.30 -21.97 -16.33
CA GLN B 365 -40.67 -23.28 -16.24
C GLN B 365 -41.72 -24.40 -16.22
N GLU B 366 -42.94 -24.08 -15.82
CA GLU B 366 -44.03 -25.05 -15.75
C GLU B 366 -44.61 -25.37 -17.12
N MET B 367 -44.30 -24.57 -18.14
CA MET B 367 -44.70 -24.85 -19.51
C MET B 367 -43.74 -25.78 -20.22
N LYS B 368 -42.67 -26.21 -19.56
CA LYS B 368 -41.66 -27.08 -20.15
C LYS B 368 -41.57 -28.42 -19.42
N LYS B 369 -42.60 -28.75 -18.63
CA LYS B 369 -42.61 -30.00 -17.88
C LYS B 369 -42.94 -31.20 -18.75
N GLN B 370 -43.58 -31.00 -19.89
CA GLN B 370 -44.12 -32.11 -20.68
C GLN B 370 -43.02 -32.78 -21.50
N SER B 371 -42.43 -32.04 -22.43
CA SER B 371 -41.41 -32.49 -23.39
C SER B 371 -41.86 -33.70 -24.20
N LEU B 386 -27.40 -42.88 -12.28
CA LEU B 386 -27.76 -44.11 -11.61
C LEU B 386 -26.55 -44.75 -10.91
N THR B 387 -26.80 -45.35 -9.74
CA THR B 387 -25.86 -46.18 -8.98
C THR B 387 -24.57 -45.40 -8.66
N LEU B 388 -24.76 -44.38 -7.80
CA LEU B 388 -23.77 -43.32 -7.62
C LEU B 388 -22.44 -43.84 -7.09
N LYS B 389 -22.47 -44.81 -6.17
CA LYS B 389 -21.22 -45.39 -5.67
C LYS B 389 -20.51 -46.21 -6.74
N GLU B 390 -21.24 -46.80 -7.68
CA GLU B 390 -20.63 -47.50 -8.79
C GLU B 390 -20.52 -46.66 -10.06
N ALA B 391 -21.26 -45.56 -10.16
CA ALA B 391 -21.04 -44.64 -11.27
C ALA B 391 -19.75 -43.86 -11.08
N ILE B 392 -19.39 -43.55 -9.83
CA ILE B 392 -18.10 -42.94 -9.54
C ILE B 392 -16.98 -43.93 -9.82
N SER B 393 -17.14 -45.17 -9.37
CA SER B 393 -16.15 -46.21 -9.61
C SER B 393 -16.03 -46.59 -11.08
N ALA B 394 -17.07 -46.37 -11.87
CA ALA B 394 -16.96 -46.59 -13.31
C ALA B 394 -16.10 -45.52 -13.97
N SER B 395 -16.12 -44.30 -13.43
CA SER B 395 -15.36 -43.20 -14.04
C SER B 395 -13.88 -43.28 -13.69
N ILE B 396 -13.52 -43.89 -12.55
CA ILE B 396 -12.12 -44.13 -12.24
C ILE B 396 -11.51 -45.13 -13.20
N SER B 397 -12.30 -46.11 -13.64
CA SER B 397 -11.87 -47.03 -14.68
C SER B 397 -11.75 -46.36 -16.04
N ARG B 398 -12.55 -45.32 -16.31
CA ARG B 398 -12.41 -44.59 -17.56
C ARG B 398 -11.16 -43.73 -17.56
N GLY B 399 -10.69 -43.34 -16.38
CA GLY B 399 -9.46 -42.58 -16.30
C GLY B 399 -9.62 -41.17 -15.76
N LYS B 400 -10.55 -40.97 -14.82
CA LYS B 400 -10.75 -39.62 -14.33
C LYS B 400 -10.14 -39.39 -12.94
N LEU B 401 -10.62 -40.12 -11.93
CA LEU B 401 -10.17 -39.77 -10.57
C LEU B 401 -8.84 -40.40 -10.23
N VAL B 402 -7.77 -39.60 -10.34
CA VAL B 402 -6.41 -40.03 -10.01
C VAL B 402 -6.31 -40.35 -8.51
N SER B 403 -6.82 -39.44 -7.68
CA SER B 403 -6.77 -39.63 -6.24
C SER B 403 -7.91 -40.53 -5.76
N PRO B 422 -7.23 -41.28 3.73
CA PRO B 422 -6.43 -40.37 4.56
C PRO B 422 -6.77 -38.90 4.32
N ALA B 423 -6.67 -38.09 5.37
CA ALA B 423 -6.95 -36.66 5.24
C ALA B 423 -5.88 -35.96 4.42
N PHE B 424 -4.65 -36.44 4.46
CA PHE B 424 -3.54 -35.87 3.71
C PHE B 424 -2.84 -36.98 2.93
N ALA B 425 -2.44 -36.65 1.71
CA ALA B 425 -1.84 -37.62 0.81
C ALA B 425 -0.42 -38.01 1.18
N ASN B 426 0.25 -37.24 2.04
CA ASN B 426 1.63 -37.47 2.39
C ASN B 426 1.78 -37.49 3.91
N PRO B 427 2.77 -38.18 4.43
CA PRO B 427 3.08 -38.07 5.86
C PRO B 427 3.67 -36.72 6.20
N PHE B 428 3.87 -36.52 7.50
CA PHE B 428 4.23 -35.21 8.06
C PHE B 428 5.60 -34.74 7.59
N TRP B 429 6.51 -35.67 7.32
CA TRP B 429 7.88 -35.34 6.94
C TRP B 429 8.06 -35.18 5.44
N ILE B 430 7.20 -35.79 4.62
CA ILE B 430 7.26 -35.57 3.18
C ILE B 430 6.73 -34.17 2.84
N GLU B 431 5.73 -33.69 3.58
CA GLU B 431 5.21 -32.36 3.34
C GLU B 431 6.20 -31.27 3.74
N ILE B 432 7.06 -31.53 4.72
CA ILE B 432 8.07 -30.55 5.10
C ILE B 432 9.16 -30.47 4.02
N LYS B 433 9.61 -31.61 3.51
CA LYS B 433 10.67 -31.56 2.50
C LYS B 433 10.17 -31.08 1.14
N THR B 434 8.88 -31.10 0.88
CA THR B 434 8.32 -30.55 -0.34
C THR B 434 8.06 -29.05 -0.22
N LEU B 435 7.60 -28.61 0.95
CA LEU B 435 7.42 -27.19 1.19
C LEU B 435 8.74 -26.46 1.30
N THR B 436 9.77 -27.11 1.85
CA THR B 436 11.09 -26.50 1.96
C THR B 436 11.74 -26.35 0.59
N ARG B 437 11.63 -27.39 -0.26
CA ARG B 437 12.18 -27.36 -1.60
C ARG B 437 11.51 -26.31 -2.48
N ARG B 438 10.22 -26.07 -2.26
CA ARG B 438 9.52 -25.04 -3.04
C ARG B 438 9.94 -23.64 -2.60
N SER B 439 10.14 -23.42 -1.30
CA SER B 439 10.55 -22.11 -0.82
C SER B 439 12.00 -21.81 -1.17
N ILE B 440 12.84 -22.83 -1.26
CA ILE B 440 14.22 -22.63 -1.66
C ILE B 440 14.30 -22.26 -3.14
N LEU B 441 13.61 -23.04 -3.97
CA LEU B 441 13.59 -22.84 -5.42
C LEU B 441 12.95 -21.52 -5.82
N ASN B 442 12.07 -20.97 -4.99
CA ASN B 442 11.45 -19.69 -5.29
C ASN B 442 12.30 -18.51 -4.85
N SER B 443 13.11 -18.66 -3.81
CA SER B 443 13.97 -17.58 -3.34
C SER B 443 15.39 -17.65 -3.89
N ARG B 444 15.81 -18.81 -4.38
CA ARG B 444 17.07 -18.90 -5.12
C ARG B 444 16.98 -18.14 -6.44
N ARG B 445 15.83 -18.16 -7.08
CA ARG B 445 15.63 -17.44 -8.33
C ARG B 445 15.27 -15.99 -8.13
N GLN B 446 15.19 -15.53 -6.89
CA GLN B 446 15.09 -14.10 -6.56
C GLN B 446 16.27 -13.71 -5.67
N PRO B 447 17.51 -13.71 -6.19
CA PRO B 447 18.65 -13.39 -5.31
C PRO B 447 18.91 -11.89 -5.24
N GLU B 448 17.84 -11.11 -5.14
CA GLU B 448 17.93 -9.69 -4.88
C GLU B 448 17.05 -9.31 -3.70
N LEU B 449 16.36 -10.28 -3.09
CA LEU B 449 15.69 -10.06 -1.83
C LEU B 449 16.65 -10.27 -0.67
N LEU B 450 17.52 -11.27 -0.76
CA LEU B 450 18.56 -11.46 0.23
C LEU B 450 19.67 -10.44 0.05
N GLY B 451 19.95 -10.03 -1.19
CA GLY B 451 20.98 -9.06 -1.44
C GLY B 451 20.62 -7.66 -0.96
N MET B 452 19.35 -7.30 -1.01
CA MET B 452 18.92 -6.03 -0.45
C MET B 452 18.80 -6.08 1.07
N ARG B 453 18.72 -7.27 1.65
CA ARG B 453 18.74 -7.40 3.11
C ARG B 453 20.15 -7.42 3.65
N LEU B 454 21.09 -8.04 2.92
CA LEU B 454 22.50 -7.91 3.26
C LEU B 454 22.97 -6.47 3.15
N ALA B 455 22.49 -5.74 2.15
CA ALA B 455 22.97 -4.38 1.94
C ALA B 455 22.44 -3.42 2.98
N THR B 456 21.28 -3.70 3.56
CA THR B 456 20.76 -2.84 4.62
C THR B 456 21.52 -3.06 5.91
N VAL B 457 21.85 -4.31 6.23
CA VAL B 457 22.51 -4.64 7.49
C VAL B 457 23.97 -4.18 7.47
N ILE B 458 24.63 -4.28 6.31
CA ILE B 458 26.03 -3.89 6.21
C ILE B 458 26.17 -2.37 6.26
N VAL B 459 25.26 -1.63 5.62
CA VAL B 459 25.31 -0.18 5.66
C VAL B 459 24.99 0.35 7.06
N THR B 460 24.01 -0.25 7.73
CA THR B 460 23.71 0.13 9.12
C THR B 460 24.87 -0.23 10.04
N GLY B 461 25.52 -1.36 9.81
CA GLY B 461 26.68 -1.71 10.60
C GLY B 461 27.90 -0.88 10.29
N PHE B 462 28.04 -0.42 9.05
CA PHE B 462 29.17 0.43 8.68
C PHE B 462 29.03 1.83 9.28
N ILE B 463 27.80 2.34 9.34
CA ILE B 463 27.57 3.66 9.95
C ILE B 463 27.88 3.60 11.44
N LEU B 464 27.37 2.58 12.13
CA LEU B 464 27.58 2.44 13.56
C LEU B 464 29.02 2.18 13.93
N ALA B 465 29.77 1.51 13.05
CA ALA B 465 31.17 1.22 13.32
C ALA B 465 32.07 2.42 13.11
N THR B 466 31.68 3.39 12.30
CA THR B 466 32.47 4.58 12.07
C THR B 466 32.09 5.71 13.01
N VAL B 467 30.88 5.70 13.56
CA VAL B 467 30.50 6.66 14.59
C VAL B 467 31.08 6.25 15.92
N PHE B 468 30.94 4.98 16.26
CA PHE B 468 31.42 4.42 17.52
C PHE B 468 32.76 3.74 17.35
N TRP B 469 33.62 4.32 16.51
CA TRP B 469 34.92 3.76 16.17
C TRP B 469 35.85 3.80 17.37
N ARG B 470 36.19 2.61 17.89
CA ARG B 470 37.28 2.38 18.84
C ARG B 470 37.10 3.18 20.13
N LEU B 471 36.03 2.85 20.85
CA LEU B 471 35.67 3.57 22.06
C LEU B 471 36.69 3.34 23.17
N ASP B 472 37.00 4.40 23.89
CA ASP B 472 37.98 4.35 24.97
C ASP B 472 37.33 4.01 26.29
N ASN B 473 38.16 3.77 27.30
CA ASN B 473 37.68 3.39 28.64
C ASN B 473 37.51 4.61 29.53
N SER B 474 36.80 5.58 29.02
CA SER B 474 36.38 6.81 29.65
C SER B 474 35.01 6.62 30.27
N PRO B 475 34.59 7.49 31.19
CA PRO B 475 33.17 7.46 31.60
C PRO B 475 32.21 7.84 30.48
N LYS B 476 32.65 8.60 29.48
CA LYS B 476 31.81 8.87 28.33
C LYS B 476 31.87 7.75 27.30
N GLY B 477 32.93 6.95 27.30
CA GLY B 477 32.98 5.77 26.46
C GLY B 477 32.18 4.61 27.01
N VAL B 478 31.87 4.62 28.30
CA VAL B 478 30.96 3.63 28.86
C VAL B 478 29.53 3.92 28.42
N GLN B 479 29.12 5.19 28.50
CA GLN B 479 27.79 5.60 28.07
C GLN B 479 27.61 5.52 26.56
N GLU B 480 28.70 5.60 25.80
CA GLU B 480 28.63 5.37 24.37
C GLU B 480 28.56 3.90 24.01
N ARG B 481 29.04 3.02 24.90
CA ARG B 481 28.86 1.59 24.68
C ARG B 481 27.42 1.18 24.86
N LEU B 482 26.75 1.75 25.86
CA LEU B 482 25.34 1.45 26.09
C LEU B 482 24.46 1.97 24.97
N GLY B 483 24.84 3.10 24.37
CA GLY B 483 24.08 3.63 23.26
C GLY B 483 24.33 2.93 21.95
N PHE B 484 25.53 2.39 21.76
CA PHE B 484 25.79 1.56 20.59
C PHE B 484 24.99 0.27 20.67
N PHE B 485 24.95 -0.36 21.84
CA PHE B 485 24.27 -1.64 21.99
C PHE B 485 22.76 -1.49 21.93
N ALA B 486 22.22 -0.38 22.43
CA ALA B 486 20.78 -0.15 22.35
C ALA B 486 20.34 0.17 20.93
N PHE B 487 21.17 0.89 20.18
CA PHE B 487 20.86 1.16 18.79
C PHE B 487 21.06 -0.06 17.91
N ALA B 488 22.08 -0.88 18.20
CA ALA B 488 22.36 -2.04 17.35
C ALA B 488 21.31 -3.12 17.51
N MET B 489 20.87 -3.39 18.75
CA MET B 489 19.83 -4.38 18.97
C MET B 489 18.49 -3.93 18.41
N SER B 490 18.24 -2.65 18.33
CA SER B 490 17.00 -2.15 17.76
C SER B 490 16.97 -2.15 16.25
N THR B 491 18.13 -2.18 15.59
CA THR B 491 18.16 -2.32 14.13
C THR B 491 17.93 -3.75 13.68
N MET B 492 18.24 -4.73 14.52
CA MET B 492 17.97 -6.12 14.17
C MET B 492 16.48 -6.40 14.16
N PHE B 493 15.74 -5.85 15.11
CA PHE B 493 14.31 -6.05 15.15
C PHE B 493 13.58 -5.26 14.09
N TYR B 494 14.13 -4.12 13.67
CA TYR B 494 13.49 -3.32 12.63
C TYR B 494 13.71 -3.93 11.25
N THR B 495 14.92 -4.42 10.97
CA THR B 495 15.20 -4.96 9.65
C THR B 495 14.57 -6.31 9.42
N CYS B 496 13.91 -6.89 10.42
CA CYS B 496 13.09 -8.07 10.22
C CYS B 496 11.71 -7.75 9.66
N ALA B 497 11.35 -6.47 9.60
CA ALA B 497 10.04 -6.06 9.15
C ALA B 497 9.95 -5.90 7.64
N ASP B 498 11.04 -6.06 6.90
CA ASP B 498 10.96 -6.02 5.45
C ASP B 498 10.63 -7.38 4.85
N ALA B 499 10.50 -8.41 5.69
CA ALA B 499 9.95 -9.68 5.29
C ALA B 499 8.44 -9.72 5.37
N LEU B 500 7.81 -8.64 5.83
CA LEU B 500 6.35 -8.62 5.93
C LEU B 500 5.60 -8.70 4.59
N PRO B 501 6.04 -8.08 3.48
CA PRO B 501 5.33 -8.36 2.21
C PRO B 501 5.46 -9.79 1.71
N VAL B 502 6.62 -10.43 1.90
CA VAL B 502 6.76 -11.81 1.40
C VAL B 502 6.15 -12.80 2.39
N PHE B 503 6.05 -12.46 3.68
CA PHE B 503 5.34 -13.29 4.64
C PHE B 503 3.83 -13.20 4.46
N LEU B 504 3.33 -12.18 3.77
CA LEU B 504 1.92 -12.01 3.50
C LEU B 504 1.50 -12.53 2.15
N GLN B 505 2.44 -12.76 1.22
CA GLN B 505 2.11 -13.42 -0.04
C GLN B 505 1.73 -14.88 0.20
N GLU B 506 2.64 -15.65 0.79
CA GLU B 506 2.23 -16.87 1.46
C GLU B 506 1.41 -16.50 2.69
N ARG B 507 0.59 -17.44 3.15
CA ARG B 507 -0.59 -17.33 4.03
C ARG B 507 -1.79 -16.78 3.25
N TYR B 508 -1.60 -16.25 2.05
CA TYR B 508 -2.70 -16.13 1.10
C TYR B 508 -2.69 -17.26 0.10
N ILE B 509 -1.52 -17.74 -0.29
CA ILE B 509 -1.40 -18.98 -1.05
C ILE B 509 -1.69 -20.18 -0.15
N PHE B 510 -1.31 -20.10 1.11
CA PHE B 510 -1.53 -21.20 2.06
C PHE B 510 -3.01 -21.38 2.35
N MET B 511 -3.77 -20.28 2.44
CA MET B 511 -5.20 -20.37 2.69
C MET B 511 -5.97 -20.86 1.47
N ARG B 512 -5.39 -20.77 0.28
CA ARG B 512 -5.99 -21.39 -0.89
C ARG B 512 -5.79 -22.90 -0.88
N GLU B 513 -4.60 -23.35 -0.49
CA GLU B 513 -4.24 -24.76 -0.61
C GLU B 513 -4.72 -25.62 0.54
N THR B 514 -5.08 -25.03 1.67
CA THR B 514 -5.63 -25.81 2.77
C THR B 514 -7.13 -26.03 2.66
N ALA B 515 -7.77 -25.46 1.63
CA ALA B 515 -9.13 -25.86 1.31
C ALA B 515 -9.16 -27.24 0.66
N TYR B 516 -8.04 -27.71 0.15
CA TYR B 516 -7.92 -29.01 -0.49
C TYR B 516 -7.18 -30.02 0.35
N ASN B 517 -6.77 -29.66 1.56
CA ASN B 517 -5.91 -30.46 2.45
C ASN B 517 -4.61 -30.87 1.75
N ALA B 518 -3.91 -29.86 1.22
CA ALA B 518 -2.68 -30.14 0.51
C ALA B 518 -1.54 -30.47 1.46
N TYR B 519 -1.42 -29.74 2.55
CA TYR B 519 -0.43 -30.03 3.57
C TYR B 519 -0.99 -29.62 4.92
N ARG B 520 -0.32 -30.05 5.97
CA ARG B 520 -0.79 -29.76 7.32
C ARG B 520 -0.42 -28.34 7.72
N ARG B 521 -1.10 -27.87 8.76
CA ARG B 521 -0.79 -26.57 9.34
C ARG B 521 0.50 -26.61 10.14
N SER B 522 0.89 -27.79 10.62
CA SER B 522 2.15 -27.95 11.32
C SER B 522 3.32 -27.93 10.36
N SER B 523 3.16 -28.55 9.19
CA SER B 523 4.24 -28.60 8.21
C SER B 523 4.51 -27.24 7.59
N TYR B 524 3.51 -26.38 7.55
CA TYR B 524 3.69 -25.06 7.00
C TYR B 524 4.50 -24.17 7.92
N VAL B 525 4.18 -24.19 9.21
CA VAL B 525 4.88 -23.35 10.19
C VAL B 525 6.29 -23.85 10.41
N LEU B 526 6.50 -25.17 10.37
CA LEU B 526 7.83 -25.71 10.62
C LEU B 526 8.76 -25.48 9.44
N SER B 527 8.27 -25.65 8.22
CA SER B 527 9.15 -25.44 7.06
C SER B 527 9.37 -23.97 6.79
N HIS B 528 8.47 -23.10 7.25
CA HIS B 528 8.71 -21.68 7.13
C HIS B 528 9.76 -21.20 8.12
N ALA B 529 9.83 -21.81 9.30
CA ALA B 529 10.87 -21.48 10.25
C ALA B 529 12.23 -22.04 9.85
N ILE B 530 12.25 -23.05 8.99
CA ILE B 530 13.49 -23.71 8.58
C ILE B 530 14.14 -22.98 7.40
N VAL B 531 13.36 -22.54 6.41
CA VAL B 531 13.94 -21.95 5.22
C VAL B 531 14.46 -20.55 5.45
N THR B 532 13.97 -19.84 6.46
CA THR B 532 14.43 -18.48 6.71
C THR B 532 15.66 -18.44 7.60
N PHE B 533 15.99 -19.53 8.27
CA PHE B 533 17.13 -19.59 9.17
C PHE B 533 18.51 -19.52 8.49
N PRO B 534 18.75 -20.06 7.29
CA PRO B 534 20.05 -19.78 6.66
C PRO B 534 20.25 -18.31 6.28
N SER B 535 19.20 -17.57 5.97
CA SER B 535 19.37 -16.15 5.69
C SER B 535 19.64 -15.36 6.95
N LEU B 536 19.13 -15.80 8.10
CA LEU B 536 19.37 -15.12 9.36
C LEU B 536 20.77 -15.35 9.90
N ILE B 537 21.45 -16.40 9.45
CA ILE B 537 22.84 -16.63 9.85
C ILE B 537 23.77 -15.72 9.07
N PHE B 538 23.49 -15.50 7.79
CA PHE B 538 24.31 -14.59 6.99
C PHE B 538 24.11 -13.14 7.39
N LEU B 539 22.90 -12.79 7.84
CA LEU B 539 22.67 -11.43 8.33
C LEU B 539 23.35 -11.21 9.67
N SER B 540 23.44 -12.25 10.50
CA SER B 540 24.05 -12.11 11.80
C SER B 540 25.56 -12.06 11.71
N LEU B 541 26.13 -12.80 10.76
CA LEU B 541 27.57 -12.80 10.57
C LEU B 541 28.03 -11.53 9.89
N ALA B 542 27.18 -10.90 9.09
CA ALA B 542 27.57 -9.67 8.42
C ALA B 542 27.58 -8.50 9.39
N PHE B 543 26.64 -8.46 10.33
CA PHE B 543 26.63 -7.38 11.32
C PHE B 543 27.74 -7.52 12.35
N ALA B 544 28.08 -8.76 12.73
CA ALA B 544 29.11 -8.95 13.72
C ALA B 544 30.51 -8.71 13.17
N VAL B 545 30.73 -8.96 11.87
CA VAL B 545 32.04 -8.73 11.28
C VAL B 545 32.29 -7.24 11.13
N THR B 546 31.27 -6.47 10.77
CA THR B 546 31.45 -5.03 10.58
C THR B 546 31.60 -4.27 11.88
N THR B 547 31.10 -4.79 13.01
CA THR B 547 31.02 -3.98 14.22
C THR B 547 31.86 -4.46 15.40
N PHE B 548 32.34 -5.70 15.42
CA PHE B 548 33.03 -6.17 16.62
C PHE B 548 34.43 -5.58 16.73
N TRP B 549 35.17 -5.55 15.64
CA TRP B 549 36.56 -5.11 15.68
C TRP B 549 36.68 -3.61 15.50
N ALA B 550 35.68 -2.96 14.92
CA ALA B 550 35.74 -1.52 14.68
C ALA B 550 35.28 -0.73 15.90
N VAL B 551 34.23 -1.17 16.57
CA VAL B 551 33.83 -0.53 17.82
C VAL B 551 34.82 -0.88 18.92
N GLY B 552 35.47 -2.04 18.83
CA GLY B 552 36.49 -2.41 19.79
C GLY B 552 35.92 -3.14 20.99
N LEU B 553 35.06 -4.12 20.74
CA LEU B 553 34.40 -4.82 21.81
C LEU B 553 35.32 -5.86 22.44
N GLU B 554 34.94 -6.30 23.63
CA GLU B 554 35.80 -7.08 24.51
C GLU B 554 35.46 -8.56 24.44
N GLY B 555 36.49 -9.41 24.48
CA GLY B 555 36.28 -10.83 24.58
C GLY B 555 37.20 -11.66 23.73
N GLY B 556 37.74 -11.08 22.67
CA GLY B 556 38.64 -11.80 21.80
C GLY B 556 37.91 -12.66 20.79
N LEU B 557 37.89 -13.96 21.01
CA LEU B 557 37.19 -14.90 20.15
C LEU B 557 35.94 -15.48 20.79
N MET B 558 35.99 -15.76 22.10
CA MET B 558 34.79 -16.26 22.77
C MET B 558 33.78 -15.14 22.98
N GLY B 559 34.24 -13.91 23.09
CA GLY B 559 33.33 -12.78 23.11
C GLY B 559 32.74 -12.45 21.77
N PHE B 560 33.47 -12.74 20.70
CA PHE B 560 32.93 -12.56 19.35
C PHE B 560 31.90 -13.62 19.02
N LEU B 561 32.10 -14.84 19.50
CA LEU B 561 31.17 -15.93 19.19
C LEU B 561 29.86 -15.77 19.94
N PHE B 562 29.90 -15.29 21.18
CA PHE B 562 28.66 -14.96 21.87
C PHE B 562 27.98 -13.75 21.23
N TYR B 563 28.76 -12.83 20.66
CA TYR B 563 28.19 -11.70 19.94
C TYR B 563 27.44 -12.15 18.70
N CYS B 564 27.96 -13.16 17.99
CA CYS B 564 27.26 -13.71 16.85
C CYS B 564 26.00 -14.46 17.25
N LEU B 565 26.01 -15.10 18.43
CA LEU B 565 24.89 -15.91 18.88
C LEU B 565 23.70 -15.06 19.30
N ILE B 566 23.97 -13.93 19.95
CA ILE B 566 22.88 -13.08 20.42
C ILE B 566 22.37 -12.16 19.31
N ILE B 567 23.17 -11.90 18.28
CA ILE B 567 22.64 -11.23 17.10
C ILE B 567 21.74 -12.18 16.32
N LEU B 568 22.10 -13.46 16.29
CA LEU B 568 21.29 -14.48 15.63
C LEU B 568 20.00 -14.74 16.38
N ALA B 569 20.05 -14.74 17.72
CA ALA B 569 18.84 -14.91 18.52
C ALA B 569 17.91 -13.71 18.42
N SER B 570 18.44 -12.53 18.11
CA SER B 570 17.62 -11.34 17.93
C SER B 570 16.98 -11.30 16.55
N PHE B 571 17.69 -11.81 15.54
CA PHE B 571 17.07 -11.98 14.23
C PHE B 571 16.02 -13.07 14.25
N TRP B 572 16.22 -14.09 15.07
CA TRP B 572 15.26 -15.19 15.16
C TRP B 572 13.98 -14.77 15.86
N SER B 573 14.09 -14.03 16.96
CA SER B 573 12.91 -13.59 17.68
C SER B 573 12.24 -12.39 17.04
N GLY B 574 12.99 -11.57 16.30
CA GLY B 574 12.38 -10.46 15.60
C GLY B 574 11.67 -10.86 14.34
N SER B 575 12.13 -11.93 13.68
CA SER B 575 11.41 -12.42 12.51
C SER B 575 10.26 -13.33 12.91
N SER B 576 10.33 -13.97 14.06
CA SER B 576 9.20 -14.71 14.60
C SER B 576 8.07 -13.78 15.01
N PHE B 577 8.41 -12.58 15.45
CA PHE B 577 7.42 -11.59 15.81
C PHE B 577 6.73 -11.01 14.58
N VAL B 578 7.47 -10.85 13.48
CA VAL B 578 6.88 -10.35 12.24
C VAL B 578 6.11 -11.45 11.53
N THR B 579 6.54 -12.70 11.66
CA THR B 579 5.76 -13.84 11.18
C THR B 579 4.41 -13.93 11.88
N PHE B 580 4.37 -13.69 13.19
CA PHE B 580 3.12 -13.70 13.93
C PHE B 580 2.22 -12.55 13.51
N LEU B 581 2.79 -11.37 13.28
CA LEU B 581 2.00 -10.22 12.84
C LEU B 581 1.47 -10.39 11.42
N SER B 582 2.14 -11.17 10.58
CA SER B 582 1.67 -11.43 9.23
C SER B 582 0.53 -12.44 9.17
N GLY B 583 0.00 -12.87 10.31
CA GLY B 583 -1.16 -13.74 10.34
C GLY B 583 -2.33 -13.04 10.98
N VAL B 584 -2.12 -11.84 11.48
CA VAL B 584 -3.19 -11.04 12.09
C VAL B 584 -3.47 -9.73 11.38
N VAL B 585 -2.62 -9.30 10.45
CA VAL B 585 -2.87 -8.04 9.75
C VAL B 585 -3.31 -8.33 8.32
N PRO B 586 -4.16 -7.49 7.72
CA PRO B 586 -4.55 -7.72 6.33
C PRO B 586 -3.55 -7.22 5.30
N HIS B 587 -2.89 -6.08 5.55
CA HIS B 587 -2.01 -5.48 4.56
C HIS B 587 -0.69 -5.07 5.21
N VAL B 588 0.27 -4.76 4.35
CA VAL B 588 1.65 -4.49 4.75
C VAL B 588 1.77 -3.19 5.53
N MET B 589 0.97 -2.18 5.17
CA MET B 589 1.08 -0.87 5.81
C MET B 589 0.62 -0.88 7.27
N LEU B 590 -0.39 -1.68 7.59
CA LEU B 590 -0.84 -1.77 8.97
C LEU B 590 0.16 -2.53 9.82
N GLY B 591 0.72 -3.61 9.30
CA GLY B 591 1.68 -4.39 10.05
C GLY B 591 3.02 -3.70 10.20
N TYR B 592 3.37 -2.84 9.25
CA TYR B 592 4.60 -2.07 9.36
C TYR B 592 4.47 -0.93 10.36
N THR B 593 3.28 -0.37 10.50
CA THR B 593 3.03 0.66 11.49
C THR B 593 3.10 0.08 12.91
N ILE B 594 2.61 -1.15 13.07
CA ILE B 594 2.59 -1.79 14.39
C ILE B 594 4.00 -2.18 14.82
N VAL B 595 4.84 -2.61 13.88
CA VAL B 595 6.22 -2.97 14.20
C VAL B 595 7.00 -1.75 14.68
N VAL B 596 6.89 -0.65 13.95
CA VAL B 596 7.63 0.57 14.26
C VAL B 596 7.16 1.17 15.58
N ALA B 597 5.88 1.04 15.92
CA ALA B 597 5.37 1.59 17.17
C ALA B 597 5.76 0.74 18.36
N ILE B 598 5.72 -0.58 18.23
CA ILE B 598 5.98 -1.45 19.37
C ILE B 598 7.49 -1.61 19.60
N LEU B 599 8.30 -1.57 18.54
CA LEU B 599 9.75 -1.57 18.71
C LEU B 599 10.25 -0.33 19.46
N ALA B 600 9.59 0.82 19.24
CA ALA B 600 9.95 2.04 19.94
C ALA B 600 9.68 1.96 21.43
N TYR B 601 8.60 1.31 21.83
CA TYR B 601 8.32 1.10 23.24
C TYR B 601 9.08 -0.08 23.83
N PHE B 602 9.56 -0.99 23.00
CA PHE B 602 10.49 -2.00 23.48
C PHE B 602 11.84 -1.39 23.84
N LEU B 603 12.20 -0.31 23.16
CA LEU B 603 13.45 0.40 23.43
C LEU B 603 13.33 1.35 24.61
N LEU B 604 12.16 1.94 24.81
CA LEU B 604 11.93 2.78 25.99
C LEU B 604 11.94 1.96 27.27
N PHE B 605 11.53 0.70 27.21
CA PHE B 605 11.46 -0.17 28.37
C PHE B 605 12.57 -1.20 28.42
N SER B 606 13.63 -1.03 27.63
CA SER B 606 14.74 -1.98 27.60
C SER B 606 15.74 -1.76 28.71
N GLY B 607 15.60 -0.71 29.51
CA GLY B 607 16.59 -0.38 30.50
C GLY B 607 17.64 0.63 30.07
N PHE B 608 17.58 1.11 28.83
CA PHE B 608 18.54 2.09 28.34
C PHE B 608 18.09 3.52 28.61
N PHE B 609 16.83 3.84 28.35
CA PHE B 609 16.35 5.20 28.59
C PHE B 609 16.09 5.44 30.07
N ILE B 610 15.57 4.44 30.76
CA ILE B 610 15.38 4.49 32.21
C ILE B 610 15.66 3.10 32.74
N ASN B 611 16.46 3.02 33.80
CA ASN B 611 16.93 1.73 34.30
C ASN B 611 15.82 0.96 34.99
N ARG B 612 16.04 -0.36 35.15
CA ARG B 612 15.01 -1.26 35.66
C ARG B 612 14.60 -0.93 37.08
N ASP B 613 15.56 -0.60 37.94
CA ASP B 613 15.24 -0.23 39.31
C ASP B 613 14.71 1.19 39.46
N ARG B 614 14.58 1.95 38.37
CA ARG B 614 13.95 3.26 38.39
C ARG B 614 12.60 3.30 37.70
N ILE B 615 12.24 2.27 36.95
CA ILE B 615 10.92 2.17 36.29
C ILE B 615 9.86 2.01 37.36
N PRO B 616 8.72 2.73 37.28
CA PRO B 616 7.65 2.54 38.26
C PRO B 616 7.08 1.14 38.23
N GLN B 617 6.54 0.71 39.38
CA GLN B 617 6.11 -0.68 39.50
C GLN B 617 4.82 -0.97 38.77
N TYR B 618 4.06 0.04 38.38
CA TYR B 618 2.91 -0.19 37.51
C TYR B 618 3.28 -0.30 36.04
N TRP B 619 4.56 -0.16 35.70
CA TRP B 619 5.03 -0.33 34.35
C TRP B 619 6.05 -1.46 34.21
N ILE B 620 6.42 -2.12 35.30
CA ILE B 620 7.48 -3.11 35.27
C ILE B 620 7.05 -4.41 34.59
N TRP B 621 5.75 -4.61 34.40
CA TRP B 621 5.28 -5.77 33.65
C TRP B 621 5.66 -5.70 32.18
N PHE B 622 5.74 -4.48 31.62
CA PHE B 622 6.10 -4.29 30.23
C PHE B 622 7.60 -4.24 30.02
N HIS B 623 8.36 -3.98 31.08
CA HIS B 623 9.81 -4.10 31.01
C HIS B 623 10.23 -5.54 30.75
N TYR B 624 9.63 -6.49 31.47
CA TYR B 624 9.98 -7.89 31.33
C TYR B 624 9.40 -8.53 30.06
N LEU B 625 8.45 -7.86 29.41
CA LEU B 625 7.92 -8.29 28.13
C LEU B 625 8.61 -7.64 26.95
N SER B 626 9.64 -6.85 27.19
CA SER B 626 10.33 -6.12 26.12
C SER B 626 11.25 -7.04 25.36
N LEU B 627 11.12 -7.06 24.04
CA LEU B 627 11.96 -7.92 23.21
C LEU B 627 13.35 -7.37 23.03
N VAL B 628 13.58 -6.09 23.33
CA VAL B 628 14.89 -5.50 23.22
C VAL B 628 15.71 -5.69 24.50
N LYS B 629 15.04 -5.86 25.65
CA LYS B 629 15.71 -5.89 26.96
C LYS B 629 16.68 -7.05 27.09
N TYR B 630 16.27 -8.24 26.70
CA TYR B 630 17.08 -9.45 26.87
C TYR B 630 18.30 -9.57 25.95
N PRO B 631 18.26 -9.21 24.66
CA PRO B 631 19.53 -9.17 23.92
C PRO B 631 20.42 -8.01 24.32
N TYR B 632 19.84 -6.90 24.76
CA TYR B 632 20.63 -5.77 25.22
C TYR B 632 21.35 -6.09 26.52
N GLU B 633 20.69 -6.77 27.45
CA GLU B 633 21.34 -7.16 28.68
C GLU B 633 22.32 -8.31 28.49
N ALA B 634 22.27 -9.00 27.37
CA ALA B 634 23.24 -10.05 27.08
C ALA B 634 24.52 -9.49 26.47
N VAL B 635 24.42 -8.46 25.62
CA VAL B 635 25.65 -7.86 25.09
C VAL B 635 26.32 -6.96 26.11
N LEU B 636 25.58 -6.44 27.08
CA LEU B 636 26.23 -5.67 28.15
C LEU B 636 27.05 -6.56 29.05
N GLN B 637 26.53 -7.74 29.39
CA GLN B 637 27.25 -8.67 30.23
C GLN B 637 28.34 -9.41 29.48
N ASN B 638 28.25 -9.50 28.16
CA ASN B 638 29.37 -9.99 27.37
C ASN B 638 30.48 -8.96 27.30
N GLU B 639 30.13 -7.67 27.39
CA GLU B 639 31.10 -6.59 27.22
C GLU B 639 31.81 -6.28 28.53
N PHE B 640 31.06 -6.03 29.59
CA PHE B 640 31.61 -5.68 30.90
C PHE B 640 31.80 -6.91 31.78
N SER B 641 32.50 -7.92 31.25
CA SER B 641 32.69 -9.17 31.95
C SER B 641 34.09 -9.38 32.49
N ASP B 642 35.09 -8.72 31.94
CA ASP B 642 36.46 -8.92 32.37
C ASP B 642 36.68 -8.28 33.74
N PRO B 643 37.33 -8.99 34.67
CA PRO B 643 37.73 -8.35 35.93
C PRO B 643 38.99 -7.50 35.79
N THR B 644 39.68 -7.59 34.64
CA THR B 644 40.90 -6.85 34.41
C THR B 644 40.68 -5.51 33.71
N GLU B 645 39.50 -5.28 33.14
CA GLU B 645 39.21 -3.99 32.53
C GLU B 645 38.94 -2.96 33.62
N CYS B 646 39.28 -1.71 33.32
CA CYS B 646 39.19 -0.65 34.31
C CYS B 646 38.75 0.63 33.63
N PHE B 647 37.87 1.36 34.30
CA PHE B 647 37.35 2.61 33.76
C PHE B 647 37.61 3.82 34.66
N VAL B 648 37.95 3.60 35.93
CA VAL B 648 38.36 4.66 36.84
C VAL B 648 39.59 4.18 37.59
N ARG B 649 40.72 4.89 37.44
CA ARG B 649 41.97 4.54 38.10
C ARG B 649 42.48 5.74 38.90
N GLY B 650 42.63 5.56 40.21
CA GLY B 650 43.41 6.47 41.02
C GLY B 650 42.93 7.90 41.12
N VAL B 651 43.62 8.80 40.40
CA VAL B 651 43.26 10.21 40.38
C VAL B 651 42.04 10.52 39.53
N GLN B 652 41.46 9.53 38.85
CA GLN B 652 40.29 9.73 38.03
C GLN B 652 38.99 9.76 38.83
N LEU B 653 39.09 9.80 40.17
CA LEU B 653 37.92 9.94 41.02
C LEU B 653 37.29 11.31 40.89
N PHE B 654 38.04 12.33 40.49
CA PHE B 654 37.61 13.71 40.51
C PHE B 654 37.50 14.32 39.12
N ASP B 655 36.97 13.56 38.16
CA ASP B 655 36.91 14.07 36.79
C ASP B 655 35.68 14.98 36.57
N ASN B 656 34.48 14.42 36.76
CA ASN B 656 33.26 15.17 36.46
C ASN B 656 32.66 15.86 37.68
N SER B 657 33.48 16.28 38.63
CA SER B 657 33.08 17.08 39.78
C SER B 657 33.84 18.40 39.77
N PRO B 658 33.31 19.44 40.42
CA PRO B 658 34.07 20.71 40.52
C PRO B 658 35.35 20.58 41.30
N LEU B 659 35.41 19.69 42.28
CA LEU B 659 36.68 19.25 42.81
C LEU B 659 37.39 18.40 41.76
N GLY B 660 38.58 18.82 41.35
CA GLY B 660 39.35 18.01 40.41
C GLY B 660 39.62 18.66 39.07
N GLU B 661 39.78 19.98 39.07
CA GLU B 661 40.28 20.71 37.91
C GLU B 661 41.73 21.09 38.10
N LEU B 662 42.50 20.24 38.76
CA LEU B 662 43.81 20.57 39.27
C LEU B 662 44.89 19.78 38.52
N THR B 663 46.12 19.91 38.97
CA THR B 663 47.26 19.27 38.32
C THR B 663 47.39 17.82 38.80
N TYR B 664 48.38 17.13 38.23
CA TYR B 664 48.62 15.74 38.60
C TYR B 664 49.19 15.64 40.02
N GLY B 665 50.08 16.55 40.39
CA GLY B 665 50.69 16.48 41.70
C GLY B 665 49.72 16.87 42.82
N MET B 666 48.79 17.76 42.49
CA MET B 666 47.82 18.25 43.47
C MET B 666 46.81 17.17 43.86
N LYS B 667 46.40 16.33 42.92
CA LYS B 667 45.44 15.27 43.24
C LYS B 667 46.09 14.07 43.89
N LEU B 668 47.43 13.94 43.79
CA LEU B 668 48.10 12.83 44.46
C LEU B 668 48.07 12.98 45.98
N ARG B 669 48.12 14.20 46.49
CA ARG B 669 47.87 14.39 47.91
C ARG B 669 46.37 14.49 48.22
N LEU B 670 45.51 14.59 47.21
CA LEU B 670 44.08 14.41 47.43
C LEU B 670 43.73 12.95 47.65
N LEU B 671 44.55 12.03 47.15
CA LEU B 671 44.25 10.61 47.27
C LEU B 671 44.57 10.06 48.67
N ASP B 672 45.79 10.28 49.15
CA ASP B 672 46.17 9.70 50.45
C ASP B 672 45.54 10.42 51.63
N SER B 673 45.03 11.64 51.43
CA SER B 673 44.28 12.32 52.47
C SER B 673 42.94 11.66 52.74
N VAL B 674 42.41 10.90 51.77
CA VAL B 674 41.26 10.04 52.01
C VAL B 674 41.68 8.75 52.71
N SER B 675 42.92 8.31 52.52
CA SER B 675 43.37 7.07 53.14
C SER B 675 43.62 7.20 54.63
N ARG B 676 43.78 8.42 55.15
CA ARG B 676 43.91 8.61 56.58
C ARG B 676 42.62 8.28 57.31
N SER B 677 41.48 8.54 56.67
CA SER B 677 40.18 8.37 57.31
C SER B 677 39.81 6.90 57.42
N ILE B 678 39.70 6.23 56.28
CA ILE B 678 39.17 4.86 56.25
C ILE B 678 40.22 3.86 56.70
N GLY B 679 41.41 3.93 56.12
CA GLY B 679 42.45 2.93 56.28
C GLY B 679 42.78 2.20 55.00
N MET B 680 41.83 2.13 54.06
CA MET B 680 42.11 1.63 52.74
C MET B 680 43.01 2.60 51.98
N ARG B 681 44.08 2.08 51.39
CA ARG B 681 45.05 2.90 50.68
C ARG B 681 44.67 2.91 49.21
N ILE B 682 44.38 4.09 48.67
CA ILE B 682 44.05 4.27 47.27
C ILE B 682 45.29 4.84 46.59
N SER B 683 45.93 4.03 45.75
CA SER B 683 47.17 4.42 45.09
C SER B 683 46.87 5.31 43.89
N SER B 684 47.91 5.62 43.11
CA SER B 684 47.70 6.27 41.82
C SER B 684 47.08 5.33 40.81
N SER B 685 47.22 4.02 41.00
CA SER B 685 46.58 3.01 40.17
C SER B 685 45.93 1.99 41.12
N THR B 686 44.64 2.17 41.38
CA THR B 686 43.90 1.34 42.32
C THR B 686 42.78 0.54 41.65
N CYS B 687 42.32 0.98 40.47
CA CYS B 687 41.24 0.35 39.68
C CYS B 687 39.95 0.29 40.49
N LEU B 688 39.40 1.49 40.72
CA LEU B 688 38.15 1.63 41.45
C LEU B 688 36.97 1.01 40.71
N THR B 689 36.63 1.55 39.55
CA THR B 689 35.45 1.11 38.80
C THR B 689 35.86 0.11 37.73
N THR B 690 35.37 -1.11 37.84
CA THR B 690 35.57 -2.14 36.85
C THR B 690 34.29 -2.30 36.02
N GLY B 691 34.27 -3.31 35.15
CA GLY B 691 33.08 -3.59 34.39
C GLY B 691 31.95 -4.18 35.21
N ALA B 692 32.29 -4.83 36.33
CA ALA B 692 31.27 -5.36 37.22
C ALA B 692 30.50 -4.25 37.93
N ASP B 693 31.13 -3.09 38.11
CA ASP B 693 30.47 -1.94 38.72
C ASP B 693 29.62 -1.15 37.73
N VAL B 694 29.95 -1.23 36.44
CA VAL B 694 29.11 -0.63 35.40
C VAL B 694 27.75 -1.34 35.34
N LEU B 695 27.77 -2.67 35.45
CA LEU B 695 26.53 -3.42 35.41
C LEU B 695 25.70 -3.24 36.67
N LYS B 696 26.34 -2.93 37.80
CA LYS B 696 25.59 -2.63 39.01
C LYS B 696 24.94 -1.26 38.93
N GLN B 697 25.59 -0.31 38.24
CA GLN B 697 25.02 1.02 38.09
C GLN B 697 23.82 1.02 37.15
N GLN B 698 23.83 0.15 36.15
CA GLN B 698 22.71 0.05 35.22
C GLN B 698 21.62 -0.89 35.71
N GLY B 699 21.86 -1.66 36.75
CA GLY B 699 20.88 -2.61 37.23
C GLY B 699 20.83 -3.90 36.46
N VAL B 700 21.88 -4.22 35.70
CA VAL B 700 21.91 -5.46 34.91
C VAL B 700 22.53 -6.52 35.79
N THR B 701 21.68 -7.11 36.64
CA THR B 701 22.16 -8.05 37.64
C THR B 701 21.30 -9.30 37.80
N GLN B 702 20.08 -9.34 37.26
CA GLN B 702 19.15 -10.41 37.59
C GLN B 702 19.47 -11.70 36.84
N LEU B 703 19.72 -11.61 35.55
CA LEU B 703 19.90 -12.77 34.71
C LEU B 703 21.32 -12.82 34.15
N SER B 704 21.82 -14.04 33.98
CA SER B 704 23.09 -14.28 33.32
C SER B 704 22.99 -13.97 31.83
N LYS B 705 24.14 -13.90 31.17
CA LYS B 705 24.11 -13.63 29.74
C LYS B 705 23.65 -14.84 28.93
N TRP B 706 23.81 -16.04 29.47
CA TRP B 706 23.28 -17.24 28.81
C TRP B 706 21.80 -17.40 29.06
N ASN B 707 21.32 -16.97 30.22
CA ASN B 707 19.89 -16.95 30.47
C ASN B 707 19.19 -15.81 29.74
N CYS B 708 19.90 -14.74 29.40
CA CYS B 708 19.32 -13.71 28.54
C CYS B 708 19.27 -14.15 27.09
N LEU B 709 20.21 -15.01 26.68
CA LEU B 709 20.17 -15.58 25.34
C LEU B 709 19.02 -16.56 25.20
N LEU B 710 18.71 -17.32 26.25
CA LEU B 710 17.67 -18.33 26.18
C LEU B 710 16.28 -17.72 26.17
N ILE B 711 16.08 -16.59 26.84
CA ILE B 711 14.80 -15.91 26.80
C ILE B 711 14.57 -15.30 25.42
N THR B 712 15.64 -14.91 24.74
CA THR B 712 15.50 -14.39 23.38
C THR B 712 15.16 -15.50 22.40
N VAL B 713 15.76 -16.68 22.56
CA VAL B 713 15.40 -17.83 21.75
C VAL B 713 13.99 -18.32 22.10
N GLY B 714 13.63 -18.28 23.38
CA GLY B 714 12.31 -18.71 23.79
C GLY B 714 11.18 -17.76 23.41
N PHE B 715 11.48 -16.47 23.25
CA PHE B 715 10.46 -15.56 22.73
C PHE B 715 10.19 -15.82 21.25
N GLY B 716 11.19 -16.25 20.50
CA GLY B 716 10.95 -16.61 19.12
C GLY B 716 10.06 -17.83 18.95
N PHE B 717 10.23 -18.83 19.82
CA PHE B 717 9.41 -20.03 19.75
C PHE B 717 7.98 -19.75 20.17
N LEU B 718 7.77 -18.77 21.06
CA LEU B 718 6.42 -18.44 21.49
C LEU B 718 5.64 -17.75 20.38
N PHE B 719 6.30 -16.93 19.57
CA PHE B 719 5.63 -16.25 18.47
C PHE B 719 5.42 -17.14 17.26
N ARG B 720 6.13 -18.27 17.15
CA ARG B 720 5.79 -19.26 16.15
C ARG B 720 4.62 -20.14 16.58
N ILE B 721 4.40 -20.27 17.89
CA ILE B 721 3.26 -21.02 18.40
C ILE B 721 1.99 -20.18 18.32
N LEU B 722 2.09 -18.89 18.64
CA LEU B 722 0.97 -17.98 18.48
C LEU B 722 0.63 -17.75 17.01
N PHE B 723 1.61 -17.91 16.12
CA PHE B 723 1.32 -17.85 14.70
C PHE B 723 0.57 -19.11 14.24
N TYR B 724 0.89 -20.25 14.82
CA TYR B 724 0.13 -21.47 14.57
C TYR B 724 -1.30 -21.34 15.10
N LEU B 725 -1.48 -20.73 16.26
CA LEU B 725 -2.81 -20.62 16.85
C LEU B 725 -3.67 -19.59 16.13
N CYS B 726 -3.07 -18.68 15.37
CA CYS B 726 -3.85 -17.76 14.56
C CYS B 726 -4.16 -18.33 13.19
N LEU B 727 -3.51 -19.42 12.79
CA LEU B 727 -3.90 -20.14 11.59
C LEU B 727 -5.00 -21.16 11.85
N LEU B 728 -5.18 -21.58 13.10
CA LEU B 728 -6.39 -22.28 13.49
C LEU B 728 -7.60 -21.36 13.44
N LEU B 729 -7.49 -20.20 14.09
CA LEU B 729 -8.62 -19.27 14.14
C LEU B 729 -8.83 -18.58 12.80
N GLY B 730 -7.77 -18.45 11.99
CA GLY B 730 -7.89 -17.81 10.70
C GLY B 730 -8.62 -18.63 9.65
N SER B 731 -8.86 -19.91 9.92
CA SER B 731 -9.64 -20.72 9.00
C SER B 731 -11.14 -20.55 9.22
N LYS B 732 -11.57 -20.40 10.47
CA LYS B 732 -12.97 -20.09 10.75
C LYS B 732 -13.29 -18.63 10.52
N ASN B 733 -12.31 -17.74 10.65
CA ASN B 733 -12.52 -16.32 10.40
C ASN B 733 -12.57 -16.04 8.90
O01 JAA C . 9.75 5.76 16.34
O02 JAA C . 3.89 6.47 19.81
O03 JAA C . 4.00 5.79 17.75
C04 JAA C . 6.97 6.27 18.46
C05 JAA C . 8.08 6.83 17.96
C06 JAA C . 6.54 5.07 17.42
C07 JAA C . 7.67 5.01 16.34
C08 JAA C . 8.67 5.81 16.76
C09 JAA C . 9.13 6.91 19.07
C10 JAA C . 5.77 7.24 18.54
C11 JAA C . 10.32 7.79 18.69
C12 JAA C . 4.49 6.46 18.71
C13 JAA C . 11.57 7.30 18.63
C14 JAA C . 11.90 5.82 18.93
C15 JAA C . 13.26 5.75 19.72
O01 JAA D . 14.06 2.47 13.82
O02 JAA D . 19.04 1.44 9.21
O03 JAA D . 16.92 1.43 8.72
C04 JAA D . 16.91 1.97 11.76
C05 JAA D . 16.29 1.58 12.89
C06 JAA D . 15.76 2.62 10.80
C07 JAA D . 14.43 2.62 11.64
C08 JAA D . 14.76 2.29 12.89
C09 JAA D . 17.07 2.13 14.09
C10 JAA D . 17.55 0.80 10.97
C11 JAA D . 16.62 1.51 15.41
C12 JAA D . 17.84 1.24 9.56
C13 JAA D . 16.11 2.25 16.41
C14 JAA D . 15.93 3.78 16.29
C15 JAA D . 16.28 4.44 17.67
#